data_7EDR
#
_entry.id   7EDR
#
_cell.length_a   86.464
_cell.length_b   100.366
_cell.length_c   163.593
_cell.angle_alpha   90.000
_cell.angle_beta   90.000
_cell.angle_gamma   90.000
#
_symmetry.space_group_name_H-M   'P 2 21 21'
#
loop_
_entity.id
_entity.type
_entity.pdbx_description
1 polymer 'Moesin/ezrin/radixin homolog 2'
2 polymer 'Moesin/ezrin/radixin homolog 2'
3 water water
#
loop_
_entity_poly.entity_id
_entity_poly.type
_entity_poly.pdbx_seq_one_letter_code
_entity_poly.pdbx_strand_id
1 'polypeptide(L)'
;KNRSLSVRVSTFDSELEFKLEPRASGQDLFDLVCRTIGLRESWYFGLQYVDTRSNVSWLKMEKRVRDQRVELHASNNVYV
FSFYAKFFPENVSEELIQEITQHLFFLQVKQSILSMDIYCRPEASVLLASYAVHVQYGPYDYETYKDGMLAGGELLPKGV
TDQYQMTPEMWEERIKTWYMDHEPMTRDEVEMEYLKIAQDLDMYGVNYFPITNKNKTKLWLGVTSVGLNIYDERDKLTPK
TTFQWNEIRHVSFDDKKFTIRLVDAKVSNFIFYSQDLHINKMILDLCKGNHDLYMRRRKPDTMEIQQ
;
A,B
2 'polypeptide(L)'
;STNDLETAGGAELTTHSSHYLVQGDNSSGISDDFEPKEFILTDNEMEQITNEMERNHLDYLRNSKQVQSQLQTLRSEIAP
HKIEENQSNLDILSEAQIKAGENKYSTLKKLKSGSTKARVAFFEEL
;
C,D
#
# COMPACT_ATOMS: atom_id res chain seq x y z
N SER A 4 41.60 -11.72 -1.31
CA SER A 4 42.50 -11.57 -2.45
C SER A 4 42.31 -10.22 -3.20
N LEU A 5 41.13 -9.61 -3.10
CA LEU A 5 40.97 -8.19 -3.34
C LEU A 5 40.91 -7.51 -1.98
N SER A 6 41.69 -6.46 -1.81
CA SER A 6 41.71 -5.73 -0.54
C SER A 6 40.91 -4.45 -0.71
N VAL A 7 39.96 -4.23 0.20
CA VAL A 7 38.91 -3.22 0.02
C VAL A 7 38.79 -2.36 1.27
N ARG A 8 38.71 -1.05 1.06
CA ARG A 8 38.26 -0.11 2.08
C ARG A 8 37.07 0.66 1.51
N VAL A 9 35.97 0.65 2.25
CA VAL A 9 34.78 1.44 1.94
C VAL A 9 34.61 2.45 3.06
N SER A 10 34.40 3.71 2.70
CA SER A 10 34.13 4.76 3.68
C SER A 10 32.73 5.30 3.47
N THR A 11 31.87 5.14 4.48
CA THR A 11 30.64 5.89 4.56
C THR A 11 30.91 7.21 5.29
N PHE A 12 29.90 8.08 5.35
CA PHE A 12 30.08 9.29 6.15
C PHE A 12 30.16 8.98 7.64
N ASP A 13 29.78 7.76 8.04
CA ASP A 13 29.72 7.41 9.46
C ASP A 13 30.86 6.53 9.92
N SER A 14 31.43 5.71 9.03
CA SER A 14 32.30 4.64 9.50
C SER A 14 33.16 4.15 8.33
N GLU A 15 34.06 3.21 8.64
CA GLU A 15 35.00 2.64 7.69
C GLU A 15 34.90 1.12 7.74
N LEU A 16 35.12 0.48 6.60
CA LEU A 16 35.08 -0.98 6.50
C LEU A 16 36.32 -1.47 5.75
N GLU A 17 37.09 -2.35 6.40
CA GLU A 17 38.21 -3.02 5.76
C GLU A 17 37.95 -4.51 5.75
N PHE A 18 38.07 -5.12 4.57
CA PHE A 18 37.81 -6.54 4.39
C PHE A 18 38.42 -6.96 3.06
N LYS A 19 38.38 -8.27 2.81
CA LYS A 19 38.83 -8.87 1.57
C LYS A 19 37.65 -9.43 0.79
N LEU A 20 37.83 -9.52 -0.53
CA LEU A 20 36.83 -10.08 -1.43
C LEU A 20 37.48 -11.10 -2.34
N GLU A 21 36.69 -12.11 -2.73
CA GLU A 21 37.14 -13.02 -3.77
C GLU A 21 37.43 -12.24 -5.03
N PRO A 22 38.39 -12.68 -5.84
CA PRO A 22 38.62 -12.01 -7.13
C PRO A 22 37.43 -12.13 -8.08
N ARG A 23 36.48 -13.01 -7.81
CA ARG A 23 35.28 -13.16 -8.64
C ARG A 23 34.15 -12.22 -8.22
N ALA A 24 34.38 -11.34 -7.26
CA ALA A 24 33.28 -10.60 -6.66
C ALA A 24 32.74 -9.55 -7.63
N SER A 25 31.41 -9.54 -7.78
CA SER A 25 30.74 -8.51 -8.56
C SER A 25 30.56 -7.24 -7.74
N GLY A 26 30.18 -6.16 -8.41
CA GLY A 26 29.75 -4.98 -7.69
C GLY A 26 28.59 -5.27 -6.76
N GLN A 27 27.60 -6.03 -7.25
CA GLN A 27 26.49 -6.43 -6.40
C GLN A 27 26.97 -7.12 -5.12
N ASP A 28 28.00 -7.95 -5.24
CA ASP A 28 28.50 -8.66 -4.06
C ASP A 28 29.09 -7.68 -3.05
N LEU A 29 29.82 -6.68 -3.54
CA LEU A 29 30.42 -5.67 -2.66
C LEU A 29 29.35 -4.80 -2.03
N PHE A 30 28.43 -4.28 -2.87
CA PHE A 30 27.34 -3.46 -2.40
C PHE A 30 26.54 -4.17 -1.30
N ASP A 31 26.18 -5.43 -1.54
CA ASP A 31 25.43 -6.22 -0.56
C ASP A 31 26.20 -6.40 0.75
N LEU A 32 27.50 -6.72 0.66
CA LEU A 32 28.29 -6.86 1.87
C LEU A 32 28.29 -5.57 2.66
N VAL A 33 28.43 -4.43 1.99
CA VAL A 33 28.47 -3.15 2.68
C VAL A 33 27.13 -2.86 3.34
N CYS A 34 26.04 -3.02 2.58
CA CYS A 34 24.69 -2.74 3.09
C CYS A 34 24.35 -3.62 4.28
N ARG A 35 24.56 -4.92 4.14
CA ARG A 35 24.24 -5.83 5.24
C ARG A 35 25.14 -5.59 6.45
N THR A 36 26.39 -5.18 6.24
CA THR A 36 27.27 -4.92 7.38
C THR A 36 26.79 -3.72 8.19
N ILE A 37 26.35 -2.64 7.51
CA ILE A 37 25.90 -1.46 8.24
C ILE A 37 24.41 -1.51 8.58
N GLY A 38 23.68 -2.55 8.14
CA GLY A 38 22.29 -2.67 8.46
C GLY A 38 21.36 -1.81 7.63
N LEU A 39 21.81 -1.38 6.45
CA LEU A 39 21.04 -0.52 5.58
C LEU A 39 20.17 -1.36 4.64
N ARG A 40 18.87 -1.10 4.65
CA ARG A 40 17.95 -1.75 3.72
C ARG A 40 17.39 -0.82 2.65
N GLU A 41 17.38 0.49 2.88
CA GLU A 41 17.00 1.47 1.86
C GLU A 41 18.17 1.75 0.92
N SER A 42 18.61 0.69 0.25
CA SER A 42 19.85 0.74 -0.50
C SER A 42 19.74 1.50 -1.81
N TRP A 43 18.52 1.77 -2.28
CA TRP A 43 18.31 2.32 -3.61
C TRP A 43 18.86 3.73 -3.76
N TYR A 44 19.04 4.45 -2.65
CA TYR A 44 19.63 5.78 -2.69
C TYR A 44 21.15 5.77 -2.87
N PHE A 45 21.83 4.64 -2.66
CA PHE A 45 23.25 4.68 -2.38
C PHE A 45 24.07 4.03 -3.47
N GLY A 46 25.35 4.36 -3.49
CA GLY A 46 26.27 3.79 -4.45
C GLY A 46 27.69 3.80 -3.92
N LEU A 47 28.58 3.19 -4.69
CA LEU A 47 30.00 3.07 -4.34
C LEU A 47 30.76 3.91 -5.36
N GLN A 48 31.37 4.97 -4.90
CA GLN A 48 32.06 5.93 -5.74
C GLN A 48 33.57 5.71 -5.64
N TYR A 49 34.26 5.76 -6.78
CA TYR A 49 35.69 5.53 -6.82
C TYR A 49 36.32 6.37 -7.92
N VAL A 50 37.63 6.25 -8.08
CA VAL A 50 38.38 6.93 -9.13
C VAL A 50 38.97 5.87 -10.04
N ASP A 51 38.72 6.02 -11.35
CA ASP A 51 39.20 5.03 -12.30
C ASP A 51 40.59 5.38 -12.82
N THR A 52 41.14 4.50 -13.65
CA THR A 52 42.46 4.67 -14.24
C THR A 52 42.56 5.86 -15.20
N ARG A 53 41.45 6.57 -15.45
CA ARG A 53 41.47 7.85 -16.15
C ARG A 53 41.26 9.01 -15.20
N SER A 54 41.44 8.78 -13.90
CA SER A 54 41.13 9.75 -12.84
C SER A 54 39.75 10.40 -13.02
N ASN A 55 38.80 9.63 -13.54
CA ASN A 55 37.39 9.99 -13.55
C ASN A 55 36.71 9.45 -12.30
N VAL A 56 35.87 10.29 -11.68
CA VAL A 56 35.01 9.80 -10.61
C VAL A 56 33.87 9.00 -11.22
N SER A 57 33.70 7.77 -10.75
CA SER A 57 32.72 6.85 -11.29
C SER A 57 31.94 6.18 -10.17
N TRP A 58 30.84 5.53 -10.55
CA TRP A 58 30.05 4.71 -9.65
C TRP A 58 30.27 3.25 -10.02
N LEU A 59 30.51 2.43 -9.01
CA LEU A 59 30.61 0.98 -9.21
C LEU A 59 29.35 0.44 -9.89
N LYS A 60 29.54 -0.32 -10.96
CA LYS A 60 28.47 -1.03 -11.62
C LYS A 60 28.21 -2.37 -10.91
N MET A 61 27.00 -2.90 -11.06
CA MET A 61 26.61 -3.98 -10.17
C MET A 61 27.01 -5.36 -10.68
N GLU A 62 26.84 -5.64 -11.97
CA GLU A 62 27.07 -7.01 -12.39
C GLU A 62 28.24 -7.13 -13.36
N LYS A 63 29.27 -6.31 -13.16
CA LYS A 63 30.62 -6.61 -13.62
C LYS A 63 31.49 -6.82 -12.38
N ARG A 64 32.58 -7.57 -12.55
CA ARG A 64 33.48 -7.82 -11.43
C ARG A 64 34.12 -6.53 -10.95
N VAL A 65 34.40 -6.46 -9.63
CA VAL A 65 35.10 -5.30 -9.10
C VAL A 65 36.41 -5.04 -9.84
N ARG A 66 37.15 -6.11 -10.11
CA ARG A 66 38.46 -5.94 -10.75
C ARG A 66 38.37 -5.65 -12.25
N ASP A 67 37.18 -5.71 -12.86
CA ASP A 67 37.03 -5.40 -14.26
C ASP A 67 36.47 -4.01 -14.50
N GLN A 68 36.51 -3.12 -13.50
CA GLN A 68 35.87 -1.81 -13.59
C GLN A 68 36.87 -0.67 -13.49
N ARG A 69 38.15 -0.96 -13.71
CA ARG A 69 39.22 0.03 -13.88
C ARG A 69 39.38 0.92 -12.64
N VAL A 70 39.33 0.33 -11.45
CA VAL A 70 39.60 1.09 -10.22
C VAL A 70 41.08 1.41 -10.15
N GLU A 71 41.41 2.67 -9.88
CA GLU A 71 42.79 3.08 -9.70
C GLU A 71 43.35 2.46 -8.43
N LEU A 72 44.41 1.66 -8.56
CA LEU A 72 45.00 1.00 -7.41
C LEU A 72 46.33 1.59 -6.96
N HIS A 73 47.04 2.30 -7.85
CA HIS A 73 48.46 2.60 -7.59
C HIS A 73 48.65 3.56 -6.43
N ALA A 74 47.87 4.64 -6.38
CA ALA A 74 48.05 5.64 -5.34
C ALA A 74 47.50 5.21 -3.99
N SER A 75 47.13 3.93 -3.83
CA SER A 75 46.41 3.47 -2.63
C SER A 75 47.02 2.22 -2.01
N ASN A 76 48.20 1.81 -2.46
CA ASN A 76 48.88 0.61 -1.96
C ASN A 76 48.11 -0.66 -2.31
N ASN A 77 47.45 -0.65 -3.47
CA ASN A 77 46.74 -1.80 -4.04
C ASN A 77 45.43 -2.12 -3.31
N VAL A 78 44.90 -1.19 -2.54
CA VAL A 78 43.58 -1.34 -1.94
C VAL A 78 42.55 -0.69 -2.85
N TYR A 79 41.42 -1.38 -3.03
CA TYR A 79 40.25 -0.81 -3.70
C TYR A 79 39.53 0.10 -2.72
N VAL A 80 39.53 1.41 -3.00
CA VAL A 80 38.98 2.43 -2.12
C VAL A 80 37.68 2.97 -2.72
N PHE A 81 36.63 3.02 -1.90
CA PHE A 81 35.30 3.46 -2.31
C PHE A 81 34.70 4.38 -1.24
N SER A 82 33.93 5.36 -1.68
CA SER A 82 33.08 6.13 -0.78
C SER A 82 31.65 5.68 -0.98
N PHE A 83 31.01 5.20 0.09
CA PHE A 83 29.59 4.92 0.10
C PHE A 83 28.79 6.22 0.27
N TYR A 84 28.14 6.69 -0.79
CA TYR A 84 27.38 7.94 -0.75
C TYR A 84 25.94 7.74 -1.22
N ALA A 85 25.09 8.68 -0.82
CA ALA A 85 23.76 8.78 -1.42
C ALA A 85 23.91 9.40 -2.81
N LYS A 86 23.50 8.64 -3.83
CA LYS A 86 23.49 9.11 -5.19
C LYS A 86 22.16 9.76 -5.56
N PHE A 87 21.08 9.41 -4.84
CA PHE A 87 19.74 9.90 -5.13
C PHE A 87 19.08 10.36 -3.83
N PHE A 88 18.20 11.34 -3.95
CA PHE A 88 17.63 11.96 -2.78
C PHE A 88 16.12 11.78 -2.78
N PRO A 89 15.52 11.53 -1.62
CA PRO A 89 14.05 11.46 -1.57
C PRO A 89 13.46 12.81 -1.91
N GLU A 90 12.16 12.82 -2.22
CA GLU A 90 11.53 14.12 -2.43
C GLU A 90 11.16 14.77 -1.09
N ASN A 91 10.71 13.98 -0.13
CA ASN A 91 10.36 14.49 1.20
C ASN A 91 10.88 13.53 2.26
N VAL A 92 11.91 13.94 2.99
CA VAL A 92 12.57 13.03 3.94
C VAL A 92 11.60 12.53 5.00
N SER A 93 10.70 13.39 5.46
CA SER A 93 9.76 13.00 6.52
C SER A 93 8.95 11.77 6.12
N GLU A 94 8.40 11.77 4.92
CA GLU A 94 7.56 10.65 4.52
C GLU A 94 8.34 9.44 4.03
N GLU A 95 9.60 9.61 3.59
CA GLU A 95 10.23 8.58 2.77
C GLU A 95 11.37 7.82 3.42
N LEU A 96 12.14 8.44 4.32
CA LEU A 96 13.25 7.76 4.96
C LEU A 96 12.75 6.94 6.14
N ILE A 97 12.93 5.62 6.08
CA ILE A 97 12.36 4.73 7.09
C ILE A 97 13.34 4.47 8.24
N GLN A 98 14.56 4.07 7.94
CA GLN A 98 15.49 3.65 8.98
C GLN A 98 16.32 4.80 9.54
N GLU A 99 16.57 4.76 10.84
CA GLU A 99 17.50 5.69 11.46
C GLU A 99 18.86 5.70 10.77
N ILE A 100 19.37 4.54 10.36
CA ILE A 100 20.69 4.51 9.73
C ILE A 100 20.67 5.31 8.43
N THR A 101 19.65 5.09 7.59
CA THR A 101 19.48 5.88 6.38
C THR A 101 19.41 7.37 6.70
N GLN A 102 18.64 7.75 7.72
CA GLN A 102 18.52 9.16 8.06
C GLN A 102 19.87 9.71 8.47
N HIS A 103 20.61 8.96 9.28
CA HIS A 103 21.88 9.43 9.78
C HIS A 103 22.90 9.57 8.64
N LEU A 104 22.91 8.63 7.69
CA LEU A 104 23.82 8.77 6.55
C LEU A 104 23.47 9.99 5.70
N PHE A 105 22.17 10.31 5.57
CA PHE A 105 21.79 11.51 4.82
C PHE A 105 22.16 12.77 5.58
N PHE A 106 21.90 12.78 6.89
CA PHE A 106 22.26 13.93 7.74
C PHE A 106 23.74 14.31 7.57
N LEU A 107 24.63 13.33 7.69
CA LEU A 107 26.06 13.61 7.60
C LEU A 107 26.46 14.10 6.21
N GLN A 108 25.92 13.48 5.15
CA GLN A 108 26.29 13.88 3.79
C GLN A 108 25.73 15.27 3.45
N VAL A 109 24.49 15.54 3.83
CA VAL A 109 23.92 16.86 3.56
C VAL A 109 24.65 17.95 4.35
N LYS A 110 24.95 17.68 5.64
CA LYS A 110 25.60 18.70 6.46
C LYS A 110 26.97 19.05 5.93
N GLN A 111 27.75 18.04 5.54
CA GLN A 111 29.04 18.33 4.94
C GLN A 111 28.88 19.09 3.62
N SER A 112 27.78 18.84 2.92
CA SER A 112 27.53 19.58 1.69
C SER A 112 27.25 21.05 1.97
N ILE A 113 26.70 21.35 3.14
CA ILE A 113 26.40 22.73 3.47
C ILE A 113 27.64 23.41 4.05
N LEU A 114 28.31 22.76 5.00
CA LEU A 114 29.52 23.33 5.59
C LEU A 114 30.58 23.62 4.54
N SER A 115 30.69 22.80 3.51
CA SER A 115 31.70 23.05 2.48
C SER A 115 31.19 23.95 1.35
N MET A 116 29.94 24.40 1.42
CA MET A 116 29.33 25.30 0.44
C MET A 116 29.12 24.64 -0.92
N ASP A 117 29.09 23.30 -0.97
CA ASP A 117 28.59 22.62 -2.17
C ASP A 117 27.17 23.06 -2.49
N ILE A 118 26.36 23.37 -1.48
CA ILE A 118 25.03 23.92 -1.73
C ILE A 118 24.87 25.20 -0.93
N TYR A 119 24.28 26.21 -1.56
CA TYR A 119 24.15 27.50 -0.90
C TYR A 119 23.24 27.35 0.31
N CYS A 120 23.57 28.11 1.35
CA CYS A 120 22.71 28.25 2.52
C CYS A 120 22.81 29.68 3.04
N ARG A 121 21.67 30.24 3.42
CA ARG A 121 21.64 31.60 3.96
C ARG A 121 22.22 31.66 5.36
N PRO A 122 22.71 32.85 5.77
CA PRO A 122 23.34 32.98 7.10
C PRO A 122 22.46 32.59 8.28
N GLU A 123 21.26 33.17 8.37
CA GLU A 123 20.42 32.87 9.51
C GLU A 123 19.98 31.41 9.51
N ALA A 124 19.84 30.79 8.33
CA ALA A 124 19.49 29.37 8.30
C ALA A 124 20.65 28.50 8.76
N SER A 125 21.87 28.81 8.32
CA SER A 125 23.03 28.04 8.78
C SER A 125 23.15 28.07 10.30
N VAL A 126 22.64 29.12 10.94
CA VAL A 126 22.65 29.17 12.40
C VAL A 126 21.61 28.22 12.97
N LEU A 127 20.44 28.15 12.34
CA LEU A 127 19.46 27.15 12.74
C LEU A 127 20.04 25.74 12.55
N LEU A 128 20.62 25.49 11.38
CA LEU A 128 21.18 24.17 11.11
C LEU A 128 22.25 23.81 12.13
N ALA A 129 23.14 24.76 12.41
CA ALA A 129 24.21 24.54 13.38
C ALA A 129 23.65 24.26 14.76
N SER A 130 22.52 24.87 15.13
CA SER A 130 21.99 24.59 16.45
C SER A 130 21.46 23.16 16.55
N TYR A 131 21.00 22.57 15.43
CA TYR A 131 20.61 21.17 15.42
C TYR A 131 21.84 20.26 15.40
N ALA A 132 22.81 20.57 14.54
CA ALA A 132 24.05 19.77 14.48
C ALA A 132 24.66 19.61 15.86
N VAL A 133 24.65 20.67 16.66
CA VAL A 133 25.16 20.61 18.02
C VAL A 133 24.35 19.64 18.87
N HIS A 134 23.01 19.70 18.74
CA HIS A 134 22.10 18.80 19.45
C HIS A 134 22.35 17.34 19.07
N VAL A 135 22.64 17.08 17.79
CA VAL A 135 22.96 15.73 17.34
C VAL A 135 24.21 15.20 18.04
N GLN A 136 25.27 16.01 18.02
CA GLN A 136 26.54 15.55 18.57
C GLN A 136 26.55 15.51 20.11
N TYR A 137 25.84 16.40 20.79
CA TYR A 137 25.93 16.50 22.25
C TYR A 137 24.64 16.21 23.00
N GLY A 138 23.54 15.91 22.31
CA GLY A 138 22.30 15.68 23.01
C GLY A 138 21.65 16.98 23.45
N PRO A 139 20.48 16.89 24.06
CA PRO A 139 19.76 18.11 24.46
C PRO A 139 20.64 19.03 25.29
N TYR A 140 20.43 20.33 25.11
CA TYR A 140 21.12 21.31 25.92
C TYR A 140 20.86 21.04 27.40
N ASP A 141 21.91 21.05 28.18
CA ASP A 141 21.82 20.78 29.61
C ASP A 141 22.78 21.75 30.29
N TYR A 142 22.25 22.67 31.09
CA TYR A 142 23.12 23.60 31.78
C TYR A 142 24.19 22.85 32.59
N GLU A 143 23.82 21.70 33.15
CA GLU A 143 24.78 20.92 33.94
C GLU A 143 26.06 20.62 33.16
N THR A 144 25.92 20.13 31.93
CA THR A 144 27.06 19.68 31.13
C THR A 144 27.62 20.72 30.18
N TYR A 145 26.83 21.74 29.80
CA TYR A 145 27.26 22.64 28.76
C TYR A 145 28.60 23.28 29.10
N LYS A 146 29.56 23.14 28.19
CA LYS A 146 30.80 23.90 28.22
C LYS A 146 30.94 24.68 26.93
N ASP A 147 31.53 25.88 27.03
CA ASP A 147 31.65 26.75 25.86
C ASP A 147 32.45 26.11 24.73
N GLY A 148 33.29 25.11 25.04
CA GLY A 148 34.06 24.46 24.00
C GLY A 148 33.23 23.60 23.08
N MET A 149 32.01 23.27 23.50
CA MET A 149 31.12 22.52 22.61
C MET A 149 30.86 23.29 21.31
N LEU A 150 30.67 24.61 21.39
CA LEU A 150 30.44 25.43 20.21
C LEU A 150 31.70 26.13 19.73
N ALA A 151 32.79 26.06 20.48
CA ALA A 151 33.91 26.95 20.23
C ALA A 151 34.78 26.53 19.04
N GLY A 152 34.64 25.31 18.52
CA GLY A 152 35.27 24.98 17.27
C GLY A 152 34.72 25.83 16.14
N GLY A 153 35.57 26.09 15.15
CA GLY A 153 35.16 26.96 14.06
C GLY A 153 34.58 26.20 12.88
N GLU A 154 33.84 25.14 13.15
CA GLU A 154 33.43 24.22 12.11
C GLU A 154 31.93 24.05 12.08
N LEU A 155 31.18 25.00 12.65
CA LEU A 155 29.74 24.84 12.72
C LEU A 155 29.01 25.57 11.60
N LEU A 156 29.59 26.64 11.06
CA LEU A 156 28.97 27.51 10.08
C LEU A 156 29.80 27.51 8.82
N PRO A 157 29.19 27.69 7.65
CA PRO A 157 29.97 27.77 6.41
C PRO A 157 30.82 29.03 6.39
N LYS A 158 31.99 28.92 5.76
CA LYS A 158 32.91 30.04 5.72
C LYS A 158 32.28 31.26 5.05
N GLY A 159 31.51 31.02 3.97
CA GLY A 159 30.82 32.10 3.30
C GLY A 159 29.91 32.91 4.20
N VAL A 160 29.39 32.28 5.25
CA VAL A 160 28.49 33.01 6.13
C VAL A 160 29.28 33.96 7.02
N THR A 161 30.26 33.43 7.75
CA THR A 161 31.01 34.27 8.70
C THR A 161 31.89 35.29 7.98
N ASP A 162 32.32 34.99 6.75
CA ASP A 162 33.15 35.93 5.99
C ASP A 162 32.41 37.18 5.58
N GLN A 163 31.07 37.15 5.47
CA GLN A 163 30.33 38.32 5.02
C GLN A 163 29.70 39.12 6.18
N TYR A 164 30.21 38.95 7.40
CA TYR A 164 29.75 39.74 8.53
C TYR A 164 30.96 40.14 9.38
N GLN A 165 30.91 41.36 9.93
CA GLN A 165 31.94 41.80 10.87
C GLN A 165 31.45 41.45 12.27
N MET A 166 31.65 40.19 12.63
CA MET A 166 31.27 39.67 13.93
C MET A 166 32.41 38.81 14.47
N THR A 167 32.50 38.76 15.78
CA THR A 167 33.48 37.89 16.40
C THR A 167 32.98 36.46 16.34
N PRO A 168 33.87 35.48 16.46
CA PRO A 168 33.39 34.09 16.55
C PRO A 168 32.41 33.87 17.68
N GLU A 169 32.56 34.60 18.79
CA GLU A 169 31.71 34.38 19.97
C GLU A 169 30.31 34.96 19.76
N MET A 170 30.18 35.98 18.92
CA MET A 170 28.85 36.45 18.58
C MET A 170 28.08 35.37 17.83
N TRP A 171 28.75 34.71 16.88
CA TRP A 171 28.17 33.56 16.22
C TRP A 171 27.86 32.43 17.22
N GLU A 172 28.82 32.11 18.10
CA GLU A 172 28.60 31.01 19.03
C GLU A 172 27.38 31.26 19.90
N GLU A 173 27.22 32.50 20.39
CA GLU A 173 26.09 32.81 21.26
C GLU A 173 24.78 32.73 20.49
N ARG A 174 24.79 33.10 19.22
CA ARG A 174 23.57 33.04 18.43
C ARG A 174 23.20 31.61 18.06
N ILE A 175 24.18 30.71 18.03
CA ILE A 175 23.88 29.28 17.91
C ILE A 175 23.36 28.74 19.22
N LYS A 176 24.07 29.02 20.32
CA LYS A 176 23.68 28.50 21.64
C LYS A 176 22.26 28.92 22.01
N THR A 177 21.89 30.17 21.70
CA THR A 177 20.55 30.65 22.00
C THR A 177 19.49 29.75 21.39
N TRP A 178 19.70 29.35 20.16
CA TRP A 178 18.75 28.46 19.51
C TRP A 178 18.88 27.03 20.02
N TYR A 179 20.11 26.58 20.25
CA TYR A 179 20.36 25.24 20.79
C TYR A 179 19.60 25.01 22.10
N MET A 180 19.62 25.99 23.00
CA MET A 180 18.85 25.89 24.23
C MET A 180 17.36 25.88 23.97
N ASP A 181 16.92 26.52 22.88
CA ASP A 181 15.49 26.80 22.70
C ASP A 181 14.71 25.55 22.33
N HIS A 182 15.34 24.61 21.64
CA HIS A 182 14.66 23.42 21.15
C HIS A 182 15.41 22.23 21.74
N GLU A 183 15.06 21.91 22.98
CA GLU A 183 15.77 20.88 23.74
C GLU A 183 14.98 19.58 23.91
N PRO A 184 13.42 19.60 23.87
CA PRO A 184 12.74 18.32 24.16
C PRO A 184 12.69 17.43 22.92
N MET A 185 13.86 16.97 22.47
CA MET A 185 13.94 16.29 21.19
C MET A 185 15.00 15.22 21.26
N THR A 186 14.71 14.05 20.70
CA THR A 186 15.72 13.02 20.60
C THR A 186 16.75 13.41 19.54
N ARG A 187 17.76 12.55 19.37
CA ARG A 187 18.79 12.84 18.37
C ARG A 187 18.23 12.71 16.96
N ASP A 188 17.67 11.55 16.62
CA ASP A 188 17.19 11.39 15.26
C ASP A 188 16.01 12.30 14.97
N GLU A 189 15.30 12.80 15.99
CA GLU A 189 14.30 13.84 15.73
C GLU A 189 14.96 15.12 15.23
N VAL A 190 16.12 15.49 15.80
CA VAL A 190 16.74 16.74 15.35
C VAL A 190 17.49 16.52 14.04
N GLU A 191 18.01 15.31 13.78
CA GLU A 191 18.55 15.03 12.46
C GLU A 191 17.49 15.23 11.38
N MET A 192 16.27 14.78 11.64
CA MET A 192 15.21 14.97 10.66
C MET A 192 14.84 16.44 10.54
N GLU A 193 14.80 17.16 11.66
CA GLU A 193 14.57 18.61 11.61
C GLU A 193 15.63 19.30 10.75
N TYR A 194 16.90 18.90 10.91
CA TYR A 194 17.96 19.39 10.04
C TYR A 194 17.61 19.14 8.57
N LEU A 195 17.36 17.86 8.24
CA LEU A 195 17.07 17.48 6.86
C LEU A 195 15.86 18.21 6.31
N LYS A 196 14.81 18.38 7.14
CA LYS A 196 13.62 19.10 6.68
C LYS A 196 13.95 20.54 6.28
N ILE A 197 14.85 21.19 7.04
CA ILE A 197 15.31 22.52 6.66
C ILE A 197 16.15 22.44 5.39
N ALA A 198 17.11 21.51 5.36
CA ALA A 198 18.04 21.45 4.25
C ALA A 198 17.35 21.12 2.92
N GLN A 199 16.30 20.29 2.93
CA GLN A 199 15.77 19.84 1.65
C GLN A 199 15.07 20.97 0.92
N ASP A 200 14.67 22.04 1.62
CA ASP A 200 14.09 23.22 1.00
C ASP A 200 15.12 24.20 0.43
N LEU A 201 16.41 23.98 0.62
CA LEU A 201 17.40 24.85 -0.01
C LEU A 201 17.36 24.69 -1.53
N ASP A 202 17.51 25.82 -2.25
CA ASP A 202 17.32 25.76 -3.70
C ASP A 202 18.29 24.80 -4.36
N MET A 203 19.50 24.66 -3.83
CA MET A 203 20.49 23.82 -4.48
C MET A 203 20.47 22.40 -3.96
N TYR A 204 19.63 22.09 -2.97
CA TYR A 204 19.61 20.75 -2.42
C TYR A 204 19.14 19.75 -3.46
N GLY A 205 19.89 18.66 -3.59
CA GLY A 205 19.48 17.55 -4.39
C GLY A 205 19.62 17.76 -5.87
N VAL A 206 20.30 18.83 -6.30
CA VAL A 206 20.49 19.12 -7.72
C VAL A 206 21.88 18.65 -8.15
N ASN A 207 21.94 17.83 -9.19
CA ASN A 207 23.19 17.44 -9.83
C ASN A 207 23.45 18.41 -11.00
N TYR A 208 24.47 19.27 -10.87
CA TYR A 208 24.73 20.34 -11.84
C TYR A 208 25.74 19.90 -12.90
N PHE A 209 25.44 20.19 -14.16
CA PHE A 209 26.37 19.91 -15.25
C PHE A 209 26.38 21.06 -16.26
N PRO A 210 27.57 21.45 -16.72
CA PRO A 210 27.67 22.54 -17.70
C PRO A 210 27.29 22.07 -19.09
N ILE A 211 26.38 22.81 -19.73
CA ILE A 211 25.87 22.45 -21.04
C ILE A 211 25.67 23.71 -21.87
N THR A 212 25.41 23.49 -23.16
CA THR A 212 25.04 24.54 -24.08
C THR A 212 23.89 24.04 -24.94
N ASN A 213 23.04 24.99 -25.30
CA ASN A 213 21.85 24.75 -26.10
C ASN A 213 22.18 25.01 -27.58
N LYS A 214 21.23 24.83 -28.51
CA LYS A 214 21.39 25.19 -29.93
C LYS A 214 22.20 26.48 -30.14
N ASN A 215 21.86 27.52 -29.38
CA ASN A 215 22.41 28.85 -29.65
C ASN A 215 23.79 29.03 -29.05
N LYS A 216 24.39 27.95 -28.54
CA LYS A 216 25.66 28.01 -27.83
C LYS A 216 25.60 28.87 -26.56
N THR A 217 24.40 29.15 -26.04
CA THR A 217 24.26 29.74 -24.71
C THR A 217 24.74 28.77 -23.64
N LYS A 218 25.49 29.31 -22.68
CA LYS A 218 25.99 28.49 -21.58
C LYS A 218 24.90 28.38 -20.52
N LEU A 219 24.52 27.14 -20.20
CA LEU A 219 23.49 26.80 -19.25
C LEU A 219 24.01 25.72 -18.30
N TRP A 220 23.27 25.53 -17.22
CA TRP A 220 23.46 24.40 -16.31
C TRP A 220 22.28 23.43 -16.44
N LEU A 221 22.60 22.15 -16.64
CA LEU A 221 21.62 21.08 -16.50
C LEU A 221 21.58 20.64 -15.05
N GLY A 222 20.39 20.65 -14.46
CA GLY A 222 20.22 20.15 -13.10
C GLY A 222 19.38 18.89 -13.01
N VAL A 223 20.01 17.75 -12.78
CA VAL A 223 19.29 16.47 -12.63
C VAL A 223 18.87 16.32 -11.18
N THR A 224 17.56 16.23 -10.94
CA THR A 224 16.99 16.19 -9.59
C THR A 224 16.08 14.96 -9.47
N SER A 225 15.56 14.75 -8.27
CA SER A 225 14.64 13.66 -8.08
C SER A 225 13.29 13.93 -8.72
N VAL A 226 13.02 15.16 -9.13
CA VAL A 226 11.75 15.50 -9.72
C VAL A 226 11.83 15.68 -11.24
N GLY A 227 12.99 16.00 -11.80
CA GLY A 227 13.07 16.18 -13.23
C GLY A 227 14.38 16.82 -13.66
N LEU A 228 14.31 17.59 -14.74
CA LEU A 228 15.47 18.26 -15.32
C LEU A 228 15.28 19.77 -15.25
N ASN A 229 16.06 20.41 -14.40
CA ASN A 229 16.08 21.85 -14.29
C ASN A 229 17.09 22.45 -15.28
N ILE A 230 16.75 23.63 -15.80
CA ILE A 230 17.68 24.37 -16.65
C ILE A 230 17.98 25.70 -15.96
N TYR A 231 19.25 25.93 -15.68
CA TYR A 231 19.71 27.15 -15.05
C TYR A 231 20.49 28.02 -16.03
N ASP A 232 20.30 29.32 -15.92
CA ASP A 232 21.21 30.25 -16.57
C ASP A 232 22.62 30.04 -16.03
N GLU A 233 23.61 30.46 -16.83
CA GLU A 233 24.99 30.15 -16.46
C GLU A 233 25.39 30.77 -15.13
N ARG A 234 24.74 31.84 -14.69
CA ARG A 234 25.16 32.52 -13.47
C ARG A 234 24.08 32.57 -12.40
N ASP A 235 23.02 31.78 -12.51
CA ASP A 235 22.02 31.68 -11.44
C ASP A 235 21.76 30.20 -11.18
N LYS A 236 22.35 29.66 -10.11
CA LYS A 236 22.16 28.27 -9.74
C LYS A 236 21.03 28.05 -8.75
N LEU A 237 20.43 29.11 -8.21
CA LEU A 237 19.33 28.92 -7.27
C LEU A 237 18.00 28.70 -7.99
N THR A 238 17.69 29.54 -8.97
CA THR A 238 16.38 29.53 -9.57
C THR A 238 16.43 29.03 -11.01
N PRO A 239 15.83 27.88 -11.30
CA PRO A 239 15.81 27.39 -12.68
C PRO A 239 15.05 28.33 -13.61
N LYS A 240 15.46 28.35 -14.88
CA LYS A 240 14.76 29.17 -15.87
C LYS A 240 13.61 28.42 -16.51
N THR A 241 13.74 27.11 -16.69
CA THR A 241 12.63 26.23 -17.02
C THR A 241 12.94 24.87 -16.43
N THR A 242 11.96 23.96 -16.52
CA THR A 242 12.12 22.63 -15.96
C THR A 242 11.21 21.65 -16.69
N PHE A 243 11.53 20.37 -16.54
CA PHE A 243 10.76 19.27 -17.10
C PHE A 243 10.72 18.15 -16.08
N GLN A 244 9.52 17.71 -15.73
CA GLN A 244 9.31 16.70 -14.71
C GLN A 244 9.50 15.30 -15.29
N TRP A 245 9.85 14.33 -14.42
CA TRP A 245 10.22 12.99 -14.92
C TRP A 245 9.11 12.35 -15.74
N ASN A 246 7.86 12.47 -15.29
CA ASN A 246 6.76 11.88 -16.04
C ASN A 246 6.49 12.59 -17.38
N GLU A 247 7.15 13.73 -17.66
CA GLU A 247 7.01 14.39 -18.96
C GLU A 247 8.03 13.92 -19.98
N ILE A 248 9.03 13.15 -19.55
CA ILE A 248 10.16 12.82 -20.41
C ILE A 248 10.05 11.36 -20.80
N ARG A 249 10.12 11.09 -22.10
CA ARG A 249 9.95 9.72 -22.57
C ARG A 249 11.28 9.02 -22.84
N HIS A 250 12.32 9.77 -23.23
CA HIS A 250 13.55 9.12 -23.65
C HIS A 250 14.70 10.12 -23.58
N VAL A 251 15.85 9.65 -23.11
CA VAL A 251 17.07 10.44 -22.98
C VAL A 251 18.22 9.66 -23.63
N SER A 252 18.97 10.32 -24.51
CA SER A 252 20.10 9.67 -25.15
C SER A 252 21.16 10.70 -25.49
N PHE A 253 22.39 10.23 -25.60
CA PHE A 253 23.47 11.09 -26.05
C PHE A 253 24.26 10.37 -27.13
N ASP A 254 24.75 11.16 -28.09
CA ASP A 254 25.71 10.70 -29.08
C ASP A 254 26.82 11.75 -29.13
N ASP A 255 28.03 11.34 -28.77
CA ASP A 255 29.19 12.24 -28.74
C ASP A 255 28.92 13.29 -27.68
N LYS A 256 28.81 14.57 -28.02
CA LYS A 256 28.57 15.64 -27.06
C LYS A 256 27.11 16.06 -27.05
N LYS A 257 26.27 15.39 -27.82
CA LYS A 257 24.92 15.82 -28.14
C LYS A 257 23.92 14.98 -27.35
N PHE A 258 23.17 15.64 -26.45
CA PHE A 258 22.05 15.03 -25.76
C PHE A 258 20.75 15.32 -26.49
N THR A 259 19.94 14.29 -26.69
CA THR A 259 18.60 14.41 -27.26
C THR A 259 17.59 13.97 -26.21
N ILE A 260 16.66 14.86 -25.89
CA ILE A 260 15.60 14.56 -24.93
C ILE A 260 14.26 14.55 -25.65
N ARG A 261 13.53 13.43 -25.53
CA ARG A 261 12.21 13.29 -26.13
C ARG A 261 11.15 13.29 -25.05
N LEU A 262 10.06 14.02 -25.30
CA LEU A 262 9.00 14.17 -24.33
C LEU A 262 7.84 13.22 -24.62
N VAL A 263 7.08 12.92 -23.56
CA VAL A 263 5.91 12.06 -23.69
C VAL A 263 4.91 12.66 -24.68
N ASP A 264 4.78 13.98 -24.70
CA ASP A 264 3.89 14.62 -25.67
C ASP A 264 4.48 14.44 -27.07
N ALA A 265 3.86 13.58 -27.88
CA ALA A 265 4.37 13.33 -29.23
C ALA A 265 4.32 14.57 -30.11
N LYS A 266 3.45 15.54 -29.78
CA LYS A 266 3.33 16.76 -30.58
C LYS A 266 4.51 17.71 -30.41
N VAL A 267 5.30 17.55 -29.36
CA VAL A 267 6.35 18.49 -28.98
C VAL A 267 7.67 18.05 -29.58
N SER A 268 8.47 19.03 -30.01
CA SER A 268 9.78 18.78 -30.57
C SER A 268 10.73 18.22 -29.52
N ASN A 269 11.58 17.29 -29.93
CA ASN A 269 12.76 16.97 -29.16
C ASN A 269 13.57 18.24 -28.95
N PHE A 270 14.35 18.27 -27.88
CA PHE A 270 15.32 19.34 -27.74
C PHE A 270 16.70 18.77 -27.44
N ILE A 271 17.70 19.60 -27.66
CA ILE A 271 19.10 19.19 -27.71
C ILE A 271 19.87 20.07 -26.76
N PHE A 272 20.94 19.51 -26.19
CA PHE A 272 21.96 20.33 -25.57
C PHE A 272 23.28 19.59 -25.69
N TYR A 273 24.36 20.33 -25.47
CA TYR A 273 25.70 19.78 -25.66
C TYR A 273 26.43 19.73 -24.34
N SER A 274 27.18 18.67 -24.14
CA SER A 274 27.94 18.46 -22.93
C SER A 274 29.23 17.79 -23.35
N GLN A 275 30.37 18.38 -22.96
CA GLN A 275 31.61 18.11 -23.66
C GLN A 275 32.37 16.90 -23.16
N ASP A 276 32.19 16.48 -21.90
CA ASP A 276 32.89 15.33 -21.35
C ASP A 276 32.09 14.06 -21.61
N LEU A 277 32.67 13.11 -22.34
CA LEU A 277 31.97 11.87 -22.63
C LEU A 277 31.64 11.11 -21.36
N HIS A 278 32.58 11.06 -20.42
CA HIS A 278 32.34 10.34 -19.17
C HIS A 278 31.24 11.00 -18.35
N ILE A 279 31.23 12.32 -18.30
CA ILE A 279 30.11 13.03 -17.67
C ILE A 279 28.81 12.67 -18.38
N ASN A 280 28.86 12.48 -19.70
CA ASN A 280 27.61 12.25 -20.44
C ASN A 280 27.00 10.91 -20.08
N LYS A 281 27.82 9.93 -19.69
CA LYS A 281 27.26 8.69 -19.21
C LYS A 281 26.74 8.81 -17.78
N MET A 282 27.37 9.65 -16.95
CA MET A 282 26.87 9.89 -15.60
C MET A 282 25.56 10.64 -15.61
N ILE A 283 25.43 11.61 -16.51
CA ILE A 283 24.15 12.26 -16.72
C ILE A 283 23.10 11.22 -17.10
N LEU A 284 23.43 10.35 -18.05
CA LEU A 284 22.52 9.26 -18.42
C LEU A 284 22.12 8.43 -17.20
N ASP A 285 23.07 8.09 -16.32
CA ASP A 285 22.78 7.22 -15.19
C ASP A 285 21.91 7.92 -14.15
N LEU A 286 22.23 9.17 -13.81
CA LEU A 286 21.41 9.94 -12.90
C LEU A 286 19.99 10.13 -13.40
N CYS A 287 19.81 10.25 -14.72
CA CYS A 287 18.47 10.38 -15.29
C CYS A 287 17.68 9.09 -15.11
N LYS A 288 18.31 7.96 -15.43
CA LYS A 288 17.62 6.70 -15.36
C LYS A 288 17.31 6.34 -13.90
N GLY A 289 18.24 6.62 -12.99
CA GLY A 289 18.03 6.27 -11.59
C GLY A 289 16.98 7.14 -10.91
N ASN A 290 17.05 8.46 -11.11
CA ASN A 290 16.03 9.33 -10.52
C ASN A 290 14.65 9.06 -11.11
N HIS A 291 14.58 8.68 -12.39
CA HIS A 291 13.27 8.39 -12.99
C HIS A 291 12.66 7.12 -12.42
N ASP A 292 13.45 6.05 -12.25
CA ASP A 292 13.00 4.83 -11.57
C ASP A 292 12.39 5.16 -10.22
N LEU A 293 13.13 5.92 -9.40
CA LEU A 293 12.67 6.21 -8.06
C LEU A 293 11.45 7.12 -8.09
N TYR A 294 11.36 7.98 -9.10
CA TYR A 294 10.21 8.86 -9.21
C TYR A 294 8.91 8.04 -9.32
N MET A 295 8.92 7.04 -10.20
CA MET A 295 7.77 6.16 -10.31
C MET A 295 7.63 5.27 -9.08
N ARG A 296 8.75 4.72 -8.58
CA ARG A 296 8.65 3.82 -7.44
C ARG A 296 8.09 4.55 -6.22
N ARG A 297 8.51 5.80 -5.99
CA ARG A 297 7.94 6.60 -4.89
C ARG A 297 6.42 6.63 -4.91
N ARG A 298 5.83 6.63 -6.10
CA ARG A 298 4.40 6.80 -6.29
C ARG A 298 3.68 5.48 -6.31
N LYS A 299 4.40 4.39 -6.08
CA LYS A 299 3.85 3.06 -5.84
C LYS A 299 4.50 2.53 -4.56
N PRO A 300 4.11 3.09 -3.40
CA PRO A 300 4.90 2.89 -2.16
C PRO A 300 5.29 1.46 -1.82
N ASP A 301 4.48 0.44 -2.13
CA ASP A 301 4.89 -0.94 -1.84
C ASP A 301 6.26 -1.26 -2.42
N THR A 302 6.63 -0.63 -3.55
CA THR A 302 7.97 -0.86 -4.10
C THR A 302 9.08 -0.29 -3.20
N MET A 303 8.74 0.45 -2.15
CA MET A 303 9.73 1.07 -1.27
C MET A 303 9.79 0.45 0.11
N GLU A 304 9.15 -0.70 0.31
CA GLU A 304 9.19 -1.34 1.62
C GLU A 304 10.51 -2.06 1.84
N ILE A 305 10.79 -2.39 3.09
CA ILE A 305 12.01 -3.12 3.44
C ILE A 305 11.65 -4.42 4.14
N THR B 7 -39.10 0.48 -16.97
CA THR B 7 -38.83 1.07 -15.65
C THR B 7 -37.48 1.80 -15.52
N ALA B 8 -36.40 1.05 -15.73
CA ALA B 8 -35.05 1.59 -15.66
C ALA B 8 -34.19 0.92 -16.73
N GLY B 9 -33.14 1.62 -17.15
CA GLY B 9 -32.22 1.07 -18.15
C GLY B 9 -30.89 1.76 -18.08
N GLY B 10 -29.84 1.02 -18.46
CA GLY B 10 -28.54 1.63 -18.58
C GLY B 10 -27.74 1.03 -19.72
N ALA B 11 -26.66 1.72 -20.07
CA ALA B 11 -25.68 1.19 -21.01
C ALA B 11 -24.37 1.93 -20.81
N GLU B 12 -23.28 1.18 -20.79
CA GLU B 12 -21.95 1.77 -20.63
C GLU B 12 -21.38 2.10 -22.01
N LEU B 13 -20.90 3.34 -22.16
CA LEU B 13 -20.55 3.87 -23.46
C LEU B 13 -19.04 3.93 -23.59
N THR B 14 -18.41 5.11 -23.48
CA THR B 14 -16.98 5.24 -23.63
C THR B 14 -16.22 4.68 -22.43
N THR B 15 -15.28 3.76 -22.68
CA THR B 15 -14.26 3.37 -21.71
C THR B 15 -12.95 4.00 -22.16
N HIS B 16 -12.42 4.88 -21.34
CA HIS B 16 -11.20 5.60 -21.70
C HIS B 16 -10.23 5.53 -20.54
N SER B 17 -8.97 5.34 -20.85
CA SER B 17 -7.92 5.21 -19.84
C SER B 17 -6.77 6.13 -20.19
N SER B 18 -6.17 6.74 -19.16
CA SER B 18 -4.99 7.56 -19.33
C SER B 18 -4.02 7.18 -18.22
N HIS B 19 -2.88 6.59 -18.59
CA HIS B 19 -2.07 6.00 -17.52
C HIS B 19 -0.61 5.86 -17.92
N TYR B 20 0.21 5.61 -16.89
CA TYR B 20 1.64 5.39 -16.99
C TYR B 20 1.93 3.91 -16.81
N LEU B 21 2.69 3.33 -17.72
CA LEU B 21 3.07 1.94 -17.62
C LEU B 21 4.51 1.86 -17.12
N VAL B 22 4.72 1.18 -15.99
CA VAL B 22 6.05 1.03 -15.42
C VAL B 22 6.42 -0.45 -15.49
N GLN B 23 7.46 -0.76 -16.26
CA GLN B 23 7.97 -2.13 -16.38
C GLN B 23 9.45 -2.11 -16.00
N GLY B 24 9.76 -2.55 -14.77
CA GLY B 24 11.11 -2.51 -14.25
C GLY B 24 11.98 -3.66 -14.75
N ASP B 25 13.28 -3.47 -14.60
CA ASP B 25 14.24 -4.48 -15.01
C ASP B 25 15.53 -4.34 -14.22
N ASN B 26 15.98 -5.48 -13.66
CA ASN B 26 17.24 -5.57 -12.91
C ASN B 26 18.38 -6.01 -13.83
N SER B 27 18.64 -5.21 -14.86
CA SER B 27 19.84 -5.40 -15.65
C SER B 27 20.94 -4.42 -15.25
N SER B 28 20.61 -3.13 -15.19
CA SER B 28 21.54 -2.09 -14.80
C SER B 28 20.81 -1.06 -13.95
N GLY B 29 21.56 -0.08 -13.45
CA GLY B 29 20.99 0.95 -12.60
C GLY B 29 20.68 0.41 -11.21
N ILE B 30 19.54 0.85 -10.67
CA ILE B 30 19.12 0.42 -9.33
C ILE B 30 18.68 -1.03 -9.41
N SER B 31 19.23 -1.87 -8.54
CA SER B 31 19.26 -3.30 -8.79
C SER B 31 18.42 -4.16 -7.85
N ASP B 32 17.86 -3.59 -6.78
CA ASP B 32 17.14 -4.38 -5.79
C ASP B 32 15.87 -5.00 -6.40
N ASP B 33 15.46 -6.14 -5.84
CA ASP B 33 14.29 -6.88 -6.32
C ASP B 33 13.05 -6.46 -5.52
N PHE B 34 12.48 -5.33 -5.90
CA PHE B 34 11.26 -4.81 -5.31
C PHE B 34 10.05 -5.44 -5.97
N GLU B 35 8.91 -5.38 -5.27
CA GLU B 35 7.63 -5.74 -5.86
C GLU B 35 6.59 -4.69 -5.49
N PRO B 36 5.60 -4.44 -6.37
CA PRO B 36 5.44 -5.08 -7.68
C PRO B 36 6.44 -4.57 -8.73
N LYS B 37 6.90 -5.46 -9.61
CA LYS B 37 7.90 -5.08 -10.60
C LYS B 37 7.28 -4.37 -11.79
N GLU B 38 6.01 -4.61 -12.05
CA GLU B 38 5.29 -3.96 -13.12
C GLU B 38 3.97 -3.46 -12.54
N PHE B 39 3.64 -2.20 -12.81
CA PHE B 39 2.41 -1.61 -12.29
C PHE B 39 2.00 -0.45 -13.20
N ILE B 40 0.81 0.06 -12.96
CA ILE B 40 0.25 1.12 -13.78
C ILE B 40 -0.32 2.17 -12.84
N LEU B 41 -0.09 3.45 -13.18
CA LEU B 41 -0.60 4.57 -12.40
C LEU B 41 -1.45 5.44 -13.32
N THR B 42 -2.72 5.62 -12.97
CA THR B 42 -3.56 6.50 -13.76
C THR B 42 -3.11 7.95 -13.62
N ASP B 43 -3.44 8.77 -14.61
CA ASP B 43 -3.20 10.21 -14.51
C ASP B 43 -3.73 10.77 -13.20
N ASN B 44 -4.91 10.32 -12.76
CA ASN B 44 -5.46 10.94 -11.57
C ASN B 44 -4.80 10.44 -10.30
N GLU B 45 -4.33 9.20 -10.26
CA GLU B 45 -3.50 8.77 -9.15
C GLU B 45 -2.27 9.67 -9.03
N MET B 46 -1.62 9.95 -10.15
CA MET B 46 -0.46 10.84 -10.14
C MET B 46 -0.84 12.22 -9.65
N GLU B 47 -1.97 12.77 -10.11
CA GLU B 47 -2.33 14.11 -9.69
C GLU B 47 -2.73 14.14 -8.22
N GLN B 48 -3.42 13.10 -7.77
CA GLN B 48 -3.81 13.03 -6.37
C GLN B 48 -2.58 12.95 -5.46
N ILE B 49 -1.54 12.24 -5.91
CA ILE B 49 -0.30 12.18 -5.14
C ILE B 49 0.38 13.54 -5.13
N THR B 50 0.29 14.26 -6.25
CA THR B 50 0.90 15.59 -6.29
C THR B 50 0.17 16.57 -5.38
N ASN B 51 -1.16 16.49 -5.33
CA ASN B 51 -1.89 17.36 -4.41
C ASN B 51 -1.50 17.03 -2.99
N GLU B 52 -1.47 15.74 -2.66
CA GLU B 52 -1.11 15.30 -1.31
C GLU B 52 0.28 15.80 -0.92
N MET B 53 1.25 15.76 -1.85
CA MET B 53 2.59 16.25 -1.51
C MET B 53 2.62 17.76 -1.28
N GLU B 54 1.86 18.54 -2.07
CA GLU B 54 1.83 19.98 -1.84
C GLU B 54 1.31 20.27 -0.45
N ARG B 55 0.27 19.56 -0.02
CA ARG B 55 -0.33 19.81 1.29
C ARG B 55 0.62 19.43 2.41
N ASN B 56 1.28 18.27 2.28
CA ASN B 56 2.27 17.91 3.29
C ASN B 56 3.28 19.04 3.49
N HIS B 57 3.75 19.63 2.38
CA HIS B 57 4.70 20.74 2.49
C HIS B 57 4.05 22.00 3.08
N LEU B 58 2.86 22.35 2.61
CA LEU B 58 2.16 23.49 3.20
C LEU B 58 1.82 23.23 4.67
N ASP B 59 1.58 21.97 5.04
CA ASP B 59 1.41 21.64 6.46
C ASP B 59 2.69 21.90 7.23
N TYR B 60 3.83 21.54 6.65
CA TYR B 60 5.10 21.75 7.34
C TYR B 60 5.39 23.24 7.50
N LEU B 61 5.14 24.03 6.46
CA LEU B 61 5.33 25.48 6.59
C LEU B 61 4.44 26.04 7.70
N ARG B 62 3.22 25.54 7.82
CA ARG B 62 2.29 26.04 8.83
C ARG B 62 2.80 25.73 10.23
N ASN B 63 3.32 24.51 10.44
CA ASN B 63 3.82 24.05 11.73
C ASN B 63 5.17 24.62 12.10
N SER B 64 5.82 25.36 11.21
CA SER B 64 7.12 25.91 11.52
C SER B 64 7.05 27.43 11.55
N LYS B 65 5.84 27.99 11.72
CA LYS B 65 5.69 29.44 11.62
C LYS B 65 6.53 30.18 12.64
N GLN B 66 6.69 29.60 13.81
CA GLN B 66 7.53 30.21 14.81
C GLN B 66 9.00 30.25 14.37
N VAL B 67 9.48 29.17 13.74
CA VAL B 67 10.88 29.12 13.32
C VAL B 67 11.13 30.08 12.16
N GLN B 68 10.21 30.17 11.20
CA GLN B 68 10.41 31.11 10.10
C GLN B 68 10.43 32.54 10.61
N SER B 69 9.55 32.88 11.58
CA SER B 69 9.57 34.21 12.17
C SER B 69 10.92 34.47 12.82
N GLN B 70 11.37 33.54 13.67
CA GLN B 70 12.70 33.63 14.29
C GLN B 70 13.78 33.85 13.26
N LEU B 71 13.70 33.14 12.13
CA LEU B 71 14.75 33.25 11.13
C LEU B 71 14.88 34.68 10.62
N GLN B 72 13.76 35.40 10.48
CA GLN B 72 13.88 36.77 9.97
C GLN B 72 14.31 37.73 11.07
N THR B 73 13.94 37.45 12.33
CA THR B 73 14.49 38.23 13.44
C THR B 73 16.02 38.18 13.46
N LEU B 74 16.60 36.96 13.41
CA LEU B 74 18.05 36.81 13.41
C LEU B 74 18.67 37.54 12.24
N ARG B 75 18.05 37.44 11.07
CA ARG B 75 18.62 38.05 9.87
C ARG B 75 18.67 39.56 10.00
N SER B 76 17.63 40.16 10.59
CA SER B 76 17.63 41.59 10.88
C SER B 76 18.67 41.93 11.93
N GLU B 77 18.75 41.12 12.99
CA GLU B 77 19.62 41.45 14.12
C GLU B 77 21.09 41.55 13.72
N ILE B 78 21.53 40.74 12.76
CA ILE B 78 22.93 40.75 12.34
C ILE B 78 23.15 41.57 11.08
N ALA B 79 22.08 42.05 10.43
CA ALA B 79 22.23 42.84 9.22
C ALA B 79 23.15 44.04 9.40
N PRO B 80 23.10 44.82 10.51
CA PRO B 80 24.10 45.90 10.70
C PRO B 80 25.55 45.52 10.45
N HIS B 81 25.96 44.27 10.72
CA HIS B 81 27.36 43.89 10.62
C HIS B 81 27.75 43.39 9.23
N LYS B 82 26.87 43.52 8.23
CA LYS B 82 27.10 42.89 6.94
C LYS B 82 28.21 43.58 6.17
N ILE B 83 29.09 42.76 5.57
CA ILE B 83 30.14 43.26 4.69
C ILE B 83 29.72 42.92 3.27
N GLU B 84 28.93 43.82 2.66
CA GLU B 84 28.39 43.56 1.32
C GLU B 84 29.47 43.24 0.30
N GLU B 85 30.69 43.77 0.49
CA GLU B 85 31.79 43.50 -0.45
C GLU B 85 32.32 42.08 -0.34
N ASN B 86 31.90 41.36 0.70
CA ASN B 86 32.25 39.96 0.87
C ASN B 86 31.10 39.02 0.53
N GLN B 87 29.92 39.56 0.22
CA GLN B 87 28.81 38.74 -0.23
C GLN B 87 29.12 38.11 -1.59
N SER B 88 28.44 37.02 -1.88
CA SER B 88 28.72 36.31 -3.13
C SER B 88 27.65 36.65 -4.15
N ASN B 89 27.91 36.18 -5.37
CA ASN B 89 26.85 36.07 -6.37
C ASN B 89 25.58 35.48 -5.76
N LEU B 90 25.68 34.26 -5.21
CA LEU B 90 24.51 33.56 -4.68
C LEU B 90 23.84 34.36 -3.55
N ASP B 91 24.64 35.05 -2.72
CA ASP B 91 24.07 35.85 -1.65
C ASP B 91 23.13 36.92 -2.19
N ILE B 92 23.52 37.58 -3.29
CA ILE B 92 22.71 38.64 -3.86
C ILE B 92 21.45 38.06 -4.47
N LEU B 93 21.60 37.01 -5.28
CA LEU B 93 20.48 36.27 -5.82
C LEU B 93 19.51 35.88 -4.74
N SER B 94 20.04 35.36 -3.62
CA SER B 94 19.17 34.92 -2.53
C SER B 94 18.39 36.09 -1.94
N GLU B 95 19.06 37.25 -1.80
CA GLU B 95 18.40 38.42 -1.24
C GLU B 95 17.31 38.93 -2.19
N ALA B 96 17.58 38.92 -3.49
CA ALA B 96 16.55 39.25 -4.47
C ALA B 96 15.36 38.29 -4.32
N GLN B 97 15.64 36.99 -4.26
CA GLN B 97 14.57 35.99 -4.15
C GLN B 97 13.67 36.27 -2.94
N ILE B 98 14.27 36.57 -1.78
CA ILE B 98 13.43 36.81 -0.60
C ILE B 98 12.65 38.11 -0.75
N LYS B 99 13.30 39.15 -1.27
CA LYS B 99 12.60 40.42 -1.49
C LYS B 99 11.37 40.22 -2.34
N ALA B 100 11.43 39.31 -3.32
CA ALA B 100 10.34 39.08 -4.24
C ALA B 100 9.33 38.03 -3.76
N GLY B 101 9.49 37.48 -2.56
CA GLY B 101 8.52 36.54 -2.02
C GLY B 101 8.54 35.14 -2.61
N GLU B 102 9.64 34.74 -3.22
CA GLU B 102 9.74 33.49 -3.95
C GLU B 102 10.34 32.38 -3.09
N ASN B 103 9.93 31.14 -3.36
CA ASN B 103 10.59 29.96 -2.79
C ASN B 103 10.72 28.87 -3.85
N LYS B 104 11.56 27.87 -3.53
CA LYS B 104 11.89 26.77 -4.43
C LYS B 104 10.66 26.13 -5.07
N TYR B 105 9.61 25.87 -4.27
CA TYR B 105 8.50 25.08 -4.77
C TYR B 105 7.52 25.92 -5.60
N SER B 106 7.15 27.11 -5.12
CA SER B 106 6.26 27.95 -5.91
C SER B 106 6.85 28.27 -7.28
N THR B 107 8.17 28.51 -7.32
CA THR B 107 8.82 28.76 -8.60
C THR B 107 8.67 27.58 -9.54
N LEU B 108 9.01 26.39 -9.05
CA LEU B 108 8.92 25.20 -9.91
C LEU B 108 7.48 24.95 -10.33
N LYS B 109 6.53 25.11 -9.40
CA LYS B 109 5.12 24.91 -9.76
C LYS B 109 4.69 25.89 -10.83
N LYS B 110 5.18 27.13 -10.74
CA LYS B 110 4.84 28.14 -11.73
C LYS B 110 5.40 27.74 -13.10
N LEU B 111 6.66 27.31 -13.15
CA LEU B 111 7.27 26.92 -14.43
C LEU B 111 6.55 25.72 -15.05
N LYS B 112 6.12 24.75 -14.24
CA LYS B 112 5.51 23.55 -14.80
C LYS B 112 4.09 23.81 -15.30
N SER B 113 3.46 24.90 -14.84
CA SER B 113 2.11 25.21 -15.28
C SER B 113 2.07 25.62 -16.76
N GLY B 114 3.21 26.00 -17.34
CA GLY B 114 3.27 26.27 -18.75
C GLY B 114 3.34 25.00 -19.56
N SER B 115 2.91 25.08 -20.82
CA SER B 115 2.89 23.89 -21.64
C SER B 115 4.31 23.37 -21.88
N THR B 116 4.39 22.08 -22.12
CA THR B 116 5.63 21.46 -22.54
C THR B 116 6.12 22.04 -23.87
N LYS B 117 5.19 22.37 -24.77
CA LYS B 117 5.57 23.03 -26.02
C LYS B 117 6.22 24.39 -25.76
N ALA B 118 5.59 25.19 -24.89
CA ALA B 118 6.15 26.49 -24.53
C ALA B 118 7.52 26.34 -23.87
N ARG B 119 7.66 25.37 -22.97
CA ARG B 119 8.90 25.24 -22.23
C ARG B 119 10.06 24.82 -23.12
N VAL B 120 9.80 23.94 -24.10
CA VAL B 120 10.88 23.57 -25.02
C VAL B 120 11.29 24.76 -25.87
N ALA B 121 10.33 25.57 -26.30
CA ALA B 121 10.66 26.75 -27.10
C ALA B 121 11.35 27.80 -26.26
N PHE B 122 10.85 28.03 -25.04
CA PHE B 122 11.56 28.91 -24.12
C PHE B 122 13.00 28.48 -23.88
N PHE B 123 13.21 27.18 -23.63
CA PHE B 123 14.55 26.63 -23.60
C PHE B 123 15.32 27.05 -24.83
N GLU B 124 14.66 27.15 -25.97
CA GLU B 124 15.46 27.29 -27.16
C GLU B 124 15.85 28.75 -27.45
N GLU B 125 15.24 29.76 -26.83
CA GLU B 125 15.71 31.16 -27.01
C GLU B 125 16.38 31.66 -25.74
N LEU B 126 17.33 30.91 -25.20
CA LEU B 126 18.09 31.33 -24.04
C LEU B 126 19.51 31.73 -24.41
N ASN C 2 -47.51 11.91 5.76
CA ASN C 2 -46.31 12.70 5.98
C ASN C 2 -45.91 12.63 7.45
N ARG C 3 -46.12 11.46 8.04
CA ARG C 3 -45.78 11.21 9.44
C ARG C 3 -44.41 10.56 9.50
N SER C 4 -43.75 10.76 10.63
CA SER C 4 -42.41 10.22 10.84
C SER C 4 -42.43 8.69 10.78
N LEU C 5 -41.23 8.13 10.55
CA LEU C 5 -41.04 6.69 10.44
C LEU C 5 -40.51 6.16 11.76
N SER C 6 -41.25 5.22 12.35
CA SER C 6 -40.73 4.44 13.48
C SER C 6 -39.91 3.27 12.94
N VAL C 7 -38.64 3.22 13.32
CA VAL C 7 -37.70 2.24 12.79
C VAL C 7 -37.08 1.48 13.95
N ARG C 8 -36.96 0.16 13.79
CA ARG C 8 -36.15 -0.66 14.68
C ARG C 8 -35.16 -1.48 13.84
N VAL C 9 -33.87 -1.41 14.22
CA VAL C 9 -32.81 -2.15 13.55
C VAL C 9 -32.19 -3.11 14.56
N SER C 10 -32.04 -4.39 14.17
CA SER C 10 -31.40 -5.40 15.02
C SER C 10 -30.03 -5.77 14.46
N THR C 11 -28.98 -5.30 15.11
CA THR C 11 -27.67 -5.92 14.89
C THR C 11 -27.64 -7.24 15.64
N PHE C 12 -26.56 -8.01 15.43
CA PHE C 12 -26.48 -9.20 16.25
C PHE C 12 -26.21 -8.89 17.72
N ASP C 13 -25.93 -7.64 18.06
CA ASP C 13 -25.63 -7.31 19.46
C ASP C 13 -26.73 -6.53 20.17
N SER C 14 -27.46 -5.66 19.48
CA SER C 14 -28.49 -4.90 20.16
C SER C 14 -29.62 -4.53 19.18
N GLU C 15 -30.68 -3.97 19.75
CA GLU C 15 -31.80 -3.40 19.00
C GLU C 15 -31.69 -1.88 19.05
N LEU C 16 -31.68 -1.25 17.89
CA LEU C 16 -31.63 0.20 17.80
C LEU C 16 -33.01 0.69 17.37
N GLU C 17 -33.48 1.75 18.01
CA GLU C 17 -34.77 2.35 17.66
C GLU C 17 -34.57 3.82 17.32
N PHE C 18 -35.00 4.20 16.11
CA PHE C 18 -34.90 5.56 15.60
C PHE C 18 -36.28 6.00 15.14
N LYS C 19 -36.44 7.32 15.06
CA LYS C 19 -37.52 7.93 14.30
C LYS C 19 -36.88 8.71 13.17
N LEU C 20 -37.35 8.46 11.95
CA LEU C 20 -36.83 9.17 10.80
C LEU C 20 -37.87 10.16 10.25
N GLU C 21 -37.37 11.17 9.54
CA GLU C 21 -38.20 12.02 8.71
C GLU C 21 -39.11 11.17 7.83
N PRO C 22 -40.26 11.71 7.38
CA PRO C 22 -41.13 10.91 6.48
C PRO C 22 -40.46 10.40 5.20
N ARG C 23 -39.61 11.21 4.57
CA ARG C 23 -38.99 10.87 3.28
C ARG C 23 -37.51 10.56 3.42
N ALA C 24 -37.09 10.05 4.58
CA ALA C 24 -35.70 9.66 4.76
C ALA C 24 -35.35 8.55 3.77
N SER C 25 -34.09 8.53 3.37
CA SER C 25 -33.59 7.55 2.42
C SER C 25 -32.91 6.38 3.12
N GLY C 26 -32.66 5.32 2.33
CA GLY C 26 -31.93 4.18 2.86
C GLY C 26 -30.52 4.53 3.32
N GLN C 27 -29.83 5.39 2.54
CA GLN C 27 -28.51 5.84 2.97
C GLN C 27 -28.57 6.50 4.33
N ASP C 28 -29.67 7.22 4.60
CA ASP C 28 -29.82 7.94 5.86
C ASP C 28 -29.89 6.97 7.03
N LEU C 29 -30.74 5.95 6.92
CA LEU C 29 -30.81 4.93 7.95
C LEU C 29 -29.47 4.24 8.09
N PHE C 30 -28.91 3.78 6.97
CA PHE C 30 -27.62 3.08 6.95
C PHE C 30 -26.53 3.89 7.64
N ASP C 31 -26.41 5.19 7.34
CA ASP C 31 -25.38 6.00 8.00
C ASP C 31 -25.70 6.15 9.48
N LEU C 32 -26.97 6.32 9.81
CA LEU C 32 -27.38 6.43 11.21
C LEU C 32 -26.96 5.20 12.00
N VAL C 33 -27.23 4.02 11.46
CA VAL C 33 -26.83 2.77 12.10
C VAL C 33 -25.31 2.72 12.26
N CYS C 34 -24.58 2.97 11.18
CA CYS C 34 -23.13 2.79 11.24
C CYS C 34 -22.51 3.75 12.24
N ARG C 35 -22.95 5.01 12.24
CA ARG C 35 -22.40 5.96 13.20
C ARG C 35 -22.69 5.53 14.63
N THR C 36 -23.93 5.07 14.89
CA THR C 36 -24.34 4.70 16.25
C THR C 36 -23.45 3.62 16.84
N ILE C 37 -23.05 2.62 16.03
CA ILE C 37 -22.30 1.48 16.54
C ILE C 37 -20.80 1.60 16.30
N GLY C 38 -20.36 2.68 15.65
CA GLY C 38 -18.94 2.86 15.41
C GLY C 38 -18.36 2.02 14.30
N LEU C 39 -19.18 1.64 13.32
CA LEU C 39 -18.74 0.77 12.24
C LEU C 39 -18.30 1.63 11.06
N ARG C 40 -17.02 1.53 10.69
CA ARG C 40 -16.53 2.19 9.48
C ARG C 40 -16.37 1.26 8.29
N GLU C 41 -16.15 -0.03 8.50
CA GLU C 41 -16.07 -0.99 7.39
C GLU C 41 -17.50 -1.36 6.98
N SER C 42 -18.20 -0.38 6.43
CA SER C 42 -19.63 -0.56 6.17
C SER C 42 -19.91 -1.39 4.93
N TRP C 43 -18.89 -1.67 4.11
CA TRP C 43 -19.11 -2.28 2.81
C TRP C 43 -19.62 -3.73 2.89
N TYR C 44 -19.35 -4.43 4.00
CA TYR C 44 -19.84 -5.79 4.13
C TYR C 44 -21.33 -5.86 4.44
N PHE C 45 -21.95 -4.75 4.85
CA PHE C 45 -23.18 -4.83 5.62
C PHE C 45 -24.38 -4.27 4.85
N GLY C 46 -25.57 -4.64 5.31
CA GLY C 46 -26.81 -4.20 4.68
C GLY C 46 -27.99 -4.33 5.63
N LEU C 47 -29.10 -3.71 5.23
CA LEU C 47 -30.33 -3.72 6.01
C LEU C 47 -31.33 -4.63 5.32
N GLN C 48 -31.67 -5.74 5.98
CA GLN C 48 -32.55 -6.75 5.41
C GLN C 48 -33.95 -6.63 6.01
N TYR C 49 -34.96 -6.95 5.20
CA TYR C 49 -36.35 -6.85 5.64
C TYR C 49 -37.23 -7.73 4.77
N VAL C 50 -38.46 -7.96 5.24
CA VAL C 50 -39.48 -8.65 4.48
C VAL C 50 -40.38 -7.60 3.85
N ASP C 51 -40.68 -7.76 2.56
CA ASP C 51 -41.38 -6.71 1.85
C ASP C 51 -42.87 -7.04 1.79
N THR C 52 -43.64 -6.18 1.11
CA THR C 52 -45.07 -6.43 0.98
C THR C 52 -45.36 -7.49 -0.08
N ARG C 53 -44.43 -8.42 -0.27
CA ARG C 53 -44.65 -9.54 -1.17
C ARG C 53 -44.10 -10.84 -0.57
N SER C 54 -43.82 -10.86 0.73
CA SER C 54 -43.23 -12.02 1.41
C SER C 54 -41.89 -12.40 0.79
N ASN C 55 -41.13 -11.38 0.40
CA ASN C 55 -39.80 -11.54 -0.18
C ASN C 55 -38.80 -10.87 0.74
N VAL C 56 -37.73 -11.59 1.08
CA VAL C 56 -36.64 -11.05 1.86
C VAL C 56 -35.79 -10.17 0.95
N SER C 57 -35.63 -8.90 1.33
CA SER C 57 -34.98 -7.90 0.50
C SER C 57 -33.92 -7.17 1.32
N TRP C 58 -33.06 -6.46 0.62
CA TRP C 58 -32.09 -5.55 1.22
C TRP C 58 -32.51 -4.12 0.92
N LEU C 59 -32.31 -3.22 1.89
CA LEU C 59 -32.72 -1.83 1.70
C LEU C 59 -31.85 -1.19 0.62
N LYS C 60 -32.49 -0.44 -0.29
CA LYS C 60 -31.76 0.31 -1.31
C LYS C 60 -31.34 1.67 -0.74
N MET C 61 -30.15 2.11 -1.14
CA MET C 61 -29.54 3.26 -0.47
C MET C 61 -30.14 4.58 -0.90
N GLU C 62 -30.47 4.74 -2.18
CA GLU C 62 -30.90 6.05 -2.63
C GLU C 62 -32.39 6.11 -3.00
N LYS C 63 -33.18 5.11 -2.63
CA LYS C 63 -34.63 5.28 -2.60
C LYS C 63 -35.08 5.69 -1.19
N ARG C 64 -36.27 6.28 -1.12
CA ARG C 64 -36.88 6.60 0.17
C ARG C 64 -37.28 5.31 0.89
N VAL C 65 -37.04 5.27 2.21
CA VAL C 65 -37.41 4.09 2.99
C VAL C 65 -38.90 3.80 2.80
N ARG C 66 -39.70 4.87 2.79
CA ARG C 66 -41.14 4.80 2.63
C ARG C 66 -41.55 4.13 1.32
N ASP C 67 -40.67 4.13 0.31
CA ASP C 67 -40.99 3.70 -1.05
C ASP C 67 -40.47 2.32 -1.40
N GLN C 68 -40.13 1.50 -0.41
CA GLN C 68 -39.46 0.24 -0.67
C GLN C 68 -40.26 -0.95 -0.17
N ARG C 69 -41.59 -0.78 -0.08
CA ARG C 69 -42.51 -1.89 0.20
C ARG C 69 -42.12 -2.65 1.47
N VAL C 70 -41.70 -1.92 2.49
CA VAL C 70 -41.48 -2.55 3.79
C VAL C 70 -42.84 -2.95 4.37
N GLU C 71 -42.94 -4.20 4.82
CA GLU C 71 -44.19 -4.65 5.46
C GLU C 71 -44.35 -4.01 6.84
N LEU C 72 -45.57 -3.53 7.12
CA LEU C 72 -45.82 -2.68 8.28
C LEU C 72 -47.00 -3.11 9.16
N HIS C 73 -47.89 -3.99 8.71
CA HIS C 73 -49.11 -4.28 9.47
C HIS C 73 -48.84 -5.28 10.59
N ALA C 74 -48.06 -6.32 10.31
CA ALA C 74 -47.70 -7.32 11.31
C ALA C 74 -46.66 -6.80 12.30
N SER C 75 -46.45 -5.48 12.37
CA SER C 75 -45.38 -4.94 13.20
C SER C 75 -45.78 -3.68 13.97
N ASN C 76 -47.07 -3.33 14.02
CA ASN C 76 -47.53 -2.11 14.72
C ASN C 76 -46.92 -0.85 14.08
N ASN C 77 -46.81 -0.86 12.75
CA ASN C 77 -46.38 0.28 11.93
C ASN C 77 -44.92 0.66 12.13
N VAL C 78 -44.08 -0.26 12.59
CA VAL C 78 -42.66 -0.04 12.75
C VAL C 78 -41.92 -0.66 11.57
N TYR C 79 -41.01 0.11 10.95
CA TYR C 79 -40.09 -0.45 9.96
C TYR C 79 -39.03 -1.28 10.67
N VAL C 80 -39.02 -2.59 10.41
CA VAL C 80 -38.17 -3.54 11.14
C VAL C 80 -37.12 -4.10 10.18
N PHE C 81 -35.85 -3.85 10.51
CA PHE C 81 -34.74 -4.30 9.70
C PHE C 81 -33.77 -5.13 10.53
N SER C 82 -33.12 -6.08 9.87
CA SER C 82 -31.95 -6.76 10.41
C SER C 82 -30.69 -6.20 9.77
N PHE C 83 -29.69 -5.91 10.60
CA PHE C 83 -28.37 -5.47 10.13
C PHE C 83 -27.45 -6.69 10.08
N TYR C 84 -27.09 -7.11 8.86
CA TYR C 84 -26.35 -8.34 8.60
C TYR C 84 -25.14 -8.06 7.71
N ALA C 85 -24.11 -8.90 7.85
CA ALA C 85 -23.10 -8.98 6.81
C ALA C 85 -23.73 -9.59 5.58
N LYS C 86 -23.69 -8.86 4.46
CA LYS C 86 -24.14 -9.38 3.18
C LYS C 86 -22.99 -9.96 2.37
N PHE C 87 -21.77 -9.48 2.64
CA PHE C 87 -20.56 -9.90 1.95
C PHE C 87 -19.53 -10.30 2.99
N PHE C 88 -18.67 -11.25 2.60
CA PHE C 88 -17.69 -11.80 3.52
C PHE C 88 -16.29 -11.57 2.97
N PRO C 89 -15.34 -11.27 3.84
CA PRO C 89 -13.95 -11.10 3.39
C PRO C 89 -13.39 -12.43 2.91
N GLU C 90 -12.26 -12.36 2.19
CA GLU C 90 -11.61 -13.59 1.76
C GLU C 90 -10.70 -14.15 2.84
N ASN C 91 -10.10 -13.30 3.67
CA ASN C 91 -9.33 -13.75 4.82
C ASN C 91 -9.58 -12.80 5.98
N VAL C 92 -10.31 -13.26 7.02
CA VAL C 92 -10.69 -12.37 8.13
C VAL C 92 -9.47 -11.73 8.78
N SER C 93 -8.42 -12.50 9.04
CA SER C 93 -7.33 -11.94 9.83
C SER C 93 -6.48 -10.95 9.05
N GLU C 94 -6.61 -10.89 7.73
CA GLU C 94 -5.93 -9.83 6.99
C GLU C 94 -6.85 -8.67 6.62
N GLU C 95 -8.16 -8.83 6.73
CA GLU C 95 -9.07 -7.86 6.14
C GLU C 95 -10.01 -7.19 7.12
N LEU C 96 -10.38 -7.85 8.23
CA LEU C 96 -11.28 -7.24 9.21
C LEU C 96 -10.44 -6.33 10.12
N ILE C 97 -10.67 -5.02 10.04
CA ILE C 97 -9.81 -4.04 10.69
C ILE C 97 -10.28 -3.70 12.09
N GLN C 98 -11.57 -3.37 12.25
CA GLN C 98 -12.11 -2.89 13.51
C GLN C 98 -12.61 -4.05 14.37
N GLU C 99 -12.75 -3.78 15.67
CA GLU C 99 -13.28 -4.81 16.55
C GLU C 99 -14.77 -4.96 16.41
N ILE C 100 -15.50 -3.86 16.21
CA ILE C 100 -16.94 -3.98 16.01
C ILE C 100 -17.24 -4.86 14.80
N THR C 101 -16.46 -4.69 13.71
CA THR C 101 -16.62 -5.53 12.52
C THR C 101 -16.38 -7.00 12.86
N GLN C 102 -15.23 -7.31 13.50
CA GLN C 102 -14.92 -8.69 13.87
C GLN C 102 -16.00 -9.26 14.75
N HIS C 103 -16.47 -8.48 15.72
CA HIS C 103 -17.48 -8.95 16.63
C HIS C 103 -18.79 -9.28 15.90
N LEU C 104 -19.22 -8.39 15.01
CA LEU C 104 -20.47 -8.61 14.28
C LEU C 104 -20.38 -9.83 13.35
N PHE C 105 -19.20 -10.07 12.75
CA PHE C 105 -19.04 -11.29 11.96
C PHE C 105 -19.01 -12.52 12.86
N PHE C 106 -18.33 -12.43 14.01
CA PHE C 106 -18.27 -13.56 14.93
C PHE C 106 -19.66 -14.02 15.33
N LEU C 107 -20.54 -13.07 15.68
CA LEU C 107 -21.86 -13.45 16.17
C LEU C 107 -22.73 -14.01 15.05
N GLN C 108 -22.66 -13.42 13.86
CA GLN C 108 -23.49 -13.92 12.76
C GLN C 108 -23.00 -15.28 12.25
N VAL C 109 -21.70 -15.46 12.10
CA VAL C 109 -21.18 -16.75 11.63
C VAL C 109 -21.50 -17.85 12.64
N LYS C 110 -21.37 -17.56 13.94
CA LYS C 110 -21.64 -18.58 14.94
C LYS C 110 -23.10 -19.03 14.88
N GLN C 111 -24.03 -18.09 14.64
CA GLN C 111 -25.42 -18.52 14.53
C GLN C 111 -25.67 -19.33 13.25
N SER C 112 -24.97 -19.02 12.16
CA SER C 112 -24.99 -19.86 10.97
C SER C 112 -24.66 -21.30 11.32
N ILE C 113 -23.62 -21.48 12.14
CA ILE C 113 -23.13 -22.80 12.47
C ILE C 113 -24.08 -23.50 13.44
N LEU C 114 -24.43 -22.82 14.54
CA LEU C 114 -25.30 -23.42 15.56
C LEU C 114 -26.65 -23.81 14.97
N SER C 115 -27.17 -23.03 14.04
CA SER C 115 -28.43 -23.33 13.39
C SER C 115 -28.27 -24.25 12.18
N MET C 116 -27.03 -24.58 11.82
CA MET C 116 -26.69 -25.46 10.71
C MET C 116 -27.02 -24.86 9.35
N ASP C 117 -27.15 -23.53 9.26
CA ASP C 117 -27.20 -22.91 7.94
C ASP C 117 -25.99 -23.32 7.12
N ILE C 118 -24.84 -23.45 7.77
CA ILE C 118 -23.66 -24.00 7.12
C ILE C 118 -23.24 -25.26 7.89
N TYR C 119 -22.81 -26.27 7.15
CA TYR C 119 -22.43 -27.52 7.79
C TYR C 119 -21.11 -27.36 8.52
N CYS C 120 -20.96 -28.14 9.59
CA CYS C 120 -19.74 -28.15 10.38
C CYS C 120 -19.53 -29.55 10.92
N ARG C 121 -18.26 -30.01 10.93
CA ARG C 121 -17.97 -31.36 11.41
C ARG C 121 -18.09 -31.43 12.93
N PRO C 122 -18.43 -32.61 13.47
CA PRO C 122 -18.60 -32.72 14.93
C PRO C 122 -17.39 -32.24 15.73
N GLU C 123 -16.19 -32.72 15.41
CA GLU C 123 -15.05 -32.36 16.23
C GLU C 123 -14.72 -30.86 16.09
N ALA C 124 -14.91 -30.29 14.90
CA ALA C 124 -14.72 -28.85 14.76
C ALA C 124 -15.72 -28.06 15.59
N SER C 125 -16.97 -28.54 15.66
CA SER C 125 -17.98 -27.86 16.48
C SER C 125 -17.59 -27.83 17.96
N VAL C 126 -16.83 -28.83 18.43
CA VAL C 126 -16.39 -28.78 19.82
C VAL C 126 -15.35 -27.68 20.00
N LEU C 127 -14.39 -27.59 19.07
CA LEU C 127 -13.42 -26.52 19.14
C LEU C 127 -14.09 -25.15 19.10
N LEU C 128 -14.98 -24.94 18.12
CA LEU C 128 -15.72 -23.69 18.05
C LEU C 128 -16.45 -23.42 19.37
N ALA C 129 -17.00 -24.47 19.96
CA ALA C 129 -17.74 -24.29 21.20
C ALA C 129 -16.81 -23.84 22.31
N SER C 130 -15.61 -24.43 22.38
CA SER C 130 -14.68 -24.06 23.45
C SER C 130 -14.19 -22.62 23.28
N TYR C 131 -14.05 -22.15 22.03
CA TYR C 131 -13.78 -20.73 21.79
C TYR C 131 -14.97 -19.85 22.18
N ALA C 132 -16.19 -20.25 21.80
CA ALA C 132 -17.34 -19.47 22.19
C ALA C 132 -17.40 -19.29 23.70
N VAL C 133 -17.10 -20.35 24.45
CA VAL C 133 -17.13 -20.27 25.90
C VAL C 133 -16.08 -19.29 26.40
N HIS C 134 -14.85 -19.42 25.87
CA HIS C 134 -13.79 -18.46 26.19
C HIS C 134 -14.19 -17.02 25.84
N VAL C 135 -14.96 -16.83 24.76
CA VAL C 135 -15.41 -15.49 24.42
C VAL C 135 -16.38 -14.95 25.47
N GLN C 136 -17.25 -15.82 25.98
CA GLN C 136 -18.27 -15.32 26.90
C GLN C 136 -17.76 -15.17 28.33
N TYR C 137 -16.83 -16.01 28.78
CA TYR C 137 -16.44 -16.04 30.18
C TYR C 137 -14.98 -15.68 30.43
N GLY C 138 -14.19 -15.41 29.40
CA GLY C 138 -12.79 -15.13 29.57
C GLY C 138 -11.99 -16.40 29.63
N PRO C 139 -10.67 -16.29 29.79
CA PRO C 139 -9.83 -17.50 29.79
C PRO C 139 -10.22 -18.40 30.95
N TYR C 140 -10.03 -19.72 30.76
CA TYR C 140 -10.43 -20.67 31.78
C TYR C 140 -9.76 -20.34 33.10
N ASP C 141 -10.57 -20.22 34.14
CA ASP C 141 -10.08 -19.97 35.49
C ASP C 141 -10.68 -20.99 36.45
N TYR C 142 -9.83 -21.90 36.97
CA TYR C 142 -10.29 -22.99 37.83
C TYR C 142 -11.08 -22.47 39.04
N GLU C 143 -10.68 -21.30 39.55
CA GLU C 143 -11.38 -20.69 40.68
C GLU C 143 -12.82 -20.34 40.34
N THR C 144 -13.01 -19.69 39.19
CA THR C 144 -14.33 -19.17 38.87
C THR C 144 -15.16 -20.13 38.03
N TYR C 145 -14.55 -21.17 37.46
CA TYR C 145 -15.33 -22.11 36.66
C TYR C 145 -16.37 -22.82 37.52
N LYS C 146 -17.54 -23.08 36.95
CA LYS C 146 -18.59 -23.81 37.65
C LYS C 146 -19.07 -24.96 36.78
N ASP C 147 -18.77 -26.21 37.18
CA ASP C 147 -19.23 -27.41 36.47
C ASP C 147 -20.73 -27.36 36.26
N GLY C 148 -21.15 -27.18 35.02
CA GLY C 148 -22.51 -26.76 34.71
C GLY C 148 -22.61 -25.31 34.26
N MET C 149 -21.48 -24.61 34.16
CA MET C 149 -21.42 -23.34 33.43
C MET C 149 -21.82 -23.48 31.97
N LEU C 150 -21.90 -24.70 31.44
CA LEU C 150 -22.11 -24.96 30.03
C LEU C 150 -23.40 -25.74 29.80
N ALA C 151 -23.72 -25.92 28.52
CA ALA C 151 -24.86 -26.73 28.11
C ALA C 151 -24.62 -27.11 26.64
N GLY C 152 -24.35 -28.40 26.37
CA GLY C 152 -23.99 -28.82 25.02
C GLY C 152 -25.08 -28.60 23.98
N GLY C 153 -26.34 -28.55 24.42
CA GLY C 153 -27.44 -28.35 23.50
C GLY C 153 -27.53 -26.93 22.96
N GLU C 154 -26.89 -25.97 23.62
CA GLU C 154 -26.78 -24.60 23.13
C GLU C 154 -25.44 -24.29 22.48
N LEU C 155 -24.43 -25.13 22.69
CA LEU C 155 -23.09 -24.89 22.18
C LEU C 155 -22.80 -25.72 20.93
N LEU C 156 -23.59 -26.75 20.68
CA LEU C 156 -23.32 -27.63 19.57
C LEU C 156 -24.50 -27.66 18.63
N PRO C 157 -24.25 -27.70 17.32
CA PRO C 157 -25.34 -27.96 16.36
C PRO C 157 -26.08 -29.24 16.73
N LYS C 158 -27.41 -29.19 16.64
CA LYS C 158 -28.19 -30.38 16.94
C LYS C 158 -27.82 -31.56 16.05
N GLY C 159 -27.43 -31.30 14.79
CA GLY C 159 -26.97 -32.37 13.94
C GLY C 159 -25.71 -33.04 14.44
N VAL C 160 -24.93 -32.37 15.28
CA VAL C 160 -23.78 -33.02 15.89
C VAL C 160 -24.23 -33.95 17.01
N THR C 161 -25.00 -33.43 17.96
CA THR C 161 -25.35 -34.22 19.12
C THR C 161 -26.30 -35.38 18.79
N ASP C 162 -27.16 -35.23 17.76
CA ASP C 162 -28.00 -36.33 17.29
C ASP C 162 -27.18 -37.47 16.72
N GLN C 163 -25.97 -37.19 16.27
CA GLN C 163 -25.13 -38.15 15.55
C GLN C 163 -24.41 -39.12 16.47
N TYR C 164 -24.41 -38.87 17.78
CA TYR C 164 -23.59 -39.65 18.70
C TYR C 164 -24.41 -40.10 19.90
N GLN C 165 -24.07 -41.29 20.40
CA GLN C 165 -24.61 -41.84 21.64
C GLN C 165 -23.81 -41.28 22.80
N MET C 166 -24.14 -40.05 23.17
CA MET C 166 -23.43 -39.35 24.23
C MET C 166 -24.43 -38.45 24.94
N THR C 167 -24.20 -38.23 26.22
CA THR C 167 -25.07 -37.34 26.96
C THR C 167 -24.56 -35.92 26.82
N PRO C 168 -25.42 -34.93 27.06
CA PRO C 168 -24.94 -33.53 27.10
C PRO C 168 -23.75 -33.32 28.01
N GLU C 169 -23.67 -34.04 29.14
CA GLU C 169 -22.57 -33.82 30.08
C GLU C 169 -21.26 -34.36 29.52
N MET C 170 -21.34 -35.41 28.70
CA MET C 170 -20.14 -35.94 28.08
C MET C 170 -19.60 -34.97 27.04
N TRP C 171 -20.49 -34.34 26.27
CA TRP C 171 -20.07 -33.27 25.36
C TRP C 171 -19.48 -32.10 26.14
N GLU C 172 -20.19 -31.63 27.17
CA GLU C 172 -19.72 -30.49 27.96
C GLU C 172 -18.32 -30.73 28.51
N GLU C 173 -18.03 -31.96 28.97
CA GLU C 173 -16.71 -32.21 29.55
C GLU C 173 -15.60 -32.07 28.51
N ARG C 174 -15.87 -32.49 27.27
CA ARG C 174 -14.89 -32.33 26.20
C ARG C 174 -14.72 -30.88 25.79
N ILE C 175 -15.81 -30.10 25.79
CA ILE C 175 -15.69 -28.66 25.55
C ILE C 175 -14.87 -28.00 26.65
N LYS C 176 -15.16 -28.34 27.92
CA LYS C 176 -14.43 -27.78 29.05
C LYS C 176 -12.94 -28.15 28.99
N THR C 177 -12.63 -29.38 28.58
CA THR C 177 -11.24 -29.82 28.55
C THR C 177 -10.44 -29.03 27.52
N TRP C 178 -11.04 -28.77 26.36
CA TRP C 178 -10.38 -27.96 25.34
C TRP C 178 -10.31 -26.49 25.77
N TYR C 179 -11.41 -25.96 26.31
CA TYR C 179 -11.41 -24.61 26.85
C TYR C 179 -10.26 -24.39 27.85
N MET C 180 -10.04 -25.36 28.75
CA MET C 180 -8.95 -25.23 29.72
C MET C 180 -7.59 -25.03 29.07
N ASP C 181 -7.43 -25.44 27.81
CA ASP C 181 -6.13 -25.54 27.18
C ASP C 181 -5.81 -24.36 26.29
N HIS C 182 -6.75 -23.43 26.10
CA HIS C 182 -6.48 -22.30 25.24
C HIS C 182 -5.40 -21.43 25.85
N GLU C 183 -4.46 -20.98 25.03
CA GLU C 183 -3.59 -19.90 25.46
C GLU C 183 -4.46 -18.71 25.89
N PRO C 184 -4.16 -18.08 27.00
CA PRO C 184 -5.08 -17.06 27.51
C PRO C 184 -5.06 -15.85 26.59
N MET C 185 -6.00 -15.81 25.66
CA MET C 185 -6.11 -14.71 24.72
C MET C 185 -7.20 -13.76 25.21
N THR C 186 -7.19 -12.55 24.65
CA THR C 186 -8.33 -11.69 24.88
C THR C 186 -9.56 -12.24 24.18
N ARG C 187 -10.72 -11.75 24.60
CA ARG C 187 -11.94 -12.24 23.99
C ARG C 187 -11.99 -11.92 22.50
N ASP C 188 -11.57 -10.70 22.12
CA ASP C 188 -11.57 -10.35 20.71
C ASP C 188 -10.54 -11.17 19.93
N GLU C 189 -9.45 -11.59 20.57
CA GLU C 189 -8.54 -12.50 19.89
C GLU C 189 -9.17 -13.86 19.64
N VAL C 190 -9.96 -14.34 20.61
CA VAL C 190 -10.59 -15.64 20.44
C VAL C 190 -11.71 -15.57 19.41
N GLU C 191 -12.42 -14.43 19.34
CA GLU C 191 -13.36 -14.23 18.24
C GLU C 191 -12.66 -14.40 16.90
N MET C 192 -11.49 -13.78 16.74
CA MET C 192 -10.80 -13.90 15.47
C MET C 192 -10.38 -15.36 15.20
N GLU C 193 -9.95 -16.09 16.24
CA GLU C 193 -9.58 -17.49 16.06
C GLU C 193 -10.78 -18.33 15.63
N TYR C 194 -11.95 -18.06 16.23
CA TYR C 194 -13.17 -18.72 15.82
C TYR C 194 -13.46 -18.47 14.34
N LEU C 195 -13.34 -17.22 13.88
CA LEU C 195 -13.59 -16.92 12.48
C LEU C 195 -12.57 -17.61 11.58
N LYS C 196 -11.29 -17.64 11.99
CA LYS C 196 -10.28 -18.31 11.17
C LYS C 196 -10.62 -19.78 10.91
N ILE C 197 -11.31 -20.43 11.84
CA ILE C 197 -11.74 -21.80 11.60
C ILE C 197 -13.07 -21.86 10.86
N ALA C 198 -14.01 -20.96 11.18
CA ALA C 198 -15.26 -20.93 10.44
C ALA C 198 -15.01 -20.68 8.96
N GLN C 199 -14.05 -19.82 8.62
CA GLN C 199 -13.94 -19.41 7.23
C GLN C 199 -13.42 -20.53 6.34
N ASP C 200 -12.89 -21.61 6.92
CA ASP C 200 -12.43 -22.74 6.14
C ASP C 200 -13.50 -23.80 5.94
N LEU C 201 -14.69 -23.62 6.50
CA LEU C 201 -15.77 -24.55 6.24
C LEU C 201 -16.22 -24.45 4.79
N ASP C 202 -16.64 -25.58 4.22
CA ASP C 202 -16.98 -25.63 2.80
C ASP C 202 -18.12 -24.66 2.46
N MET C 203 -19.09 -24.50 3.35
CA MET C 203 -20.25 -23.71 3.05
C MET C 203 -20.15 -22.28 3.52
N TYR C 204 -19.03 -21.88 4.12
CA TYR C 204 -18.89 -20.53 4.63
C TYR C 204 -18.89 -19.52 3.49
N GLY C 205 -19.67 -18.46 3.66
CA GLY C 205 -19.74 -17.40 2.67
C GLY C 205 -20.22 -17.81 1.29
N VAL C 206 -21.07 -18.82 1.19
CA VAL C 206 -21.66 -19.21 -0.08
C VAL C 206 -23.14 -18.89 -0.05
N ASN C 207 -23.59 -18.06 -0.98
CA ASN C 207 -25.01 -17.87 -1.18
C ASN C 207 -25.44 -18.89 -2.22
N TYR C 208 -26.31 -19.82 -1.82
CA TYR C 208 -26.79 -20.91 -2.67
C TYR C 208 -28.12 -20.57 -3.33
N PHE C 209 -28.26 -20.92 -4.61
CA PHE C 209 -29.53 -20.75 -5.29
C PHE C 209 -29.73 -21.93 -6.23
N PRO C 210 -30.95 -22.40 -6.36
CA PRO C 210 -31.22 -23.57 -7.18
C PRO C 210 -31.39 -23.18 -8.63
N ILE C 211 -30.67 -23.84 -9.54
CA ILE C 211 -30.69 -23.47 -10.94
C ILE C 211 -30.82 -24.74 -11.76
N THR C 212 -31.01 -24.55 -13.06
CA THR C 212 -30.97 -25.61 -14.06
C THR C 212 -30.12 -25.14 -15.22
N ASN C 213 -29.22 -26.00 -15.69
CA ASN C 213 -28.48 -25.72 -16.92
C ASN C 213 -29.41 -26.01 -18.10
N LYS C 214 -28.86 -26.08 -19.31
CA LYS C 214 -29.74 -26.21 -20.47
C LYS C 214 -30.29 -27.62 -20.61
N ASN C 215 -29.56 -28.64 -20.08
CA ASN C 215 -30.09 -30.01 -19.96
C ASN C 215 -31.14 -30.15 -18.87
N LYS C 216 -31.56 -29.07 -18.22
CA LYS C 216 -32.49 -29.10 -17.08
C LYS C 216 -31.96 -29.92 -15.89
N THR C 217 -30.64 -30.17 -15.83
CA THR C 217 -30.05 -30.70 -14.60
C THR C 217 -30.23 -29.69 -13.47
N LYS C 218 -30.72 -30.17 -12.34
CA LYS C 218 -30.86 -29.33 -11.16
C LYS C 218 -29.49 -29.18 -10.49
N LEU C 219 -29.11 -27.92 -10.26
CA LEU C 219 -27.81 -27.60 -9.68
C LEU C 219 -27.98 -26.48 -8.68
N TRP C 220 -26.89 -26.19 -7.97
CA TRP C 220 -26.84 -25.04 -7.07
C TRP C 220 -25.84 -24.02 -7.60
N LEU C 221 -26.29 -22.78 -7.74
CA LEU C 221 -25.41 -21.65 -7.94
C LEU C 221 -24.91 -21.16 -6.58
N GLY C 222 -23.59 -21.09 -6.41
CA GLY C 222 -23.01 -20.52 -5.21
C GLY C 222 -22.25 -19.24 -5.48
N VAL C 223 -22.86 -18.09 -5.15
CA VAL C 223 -22.19 -16.79 -5.29
C VAL C 223 -21.33 -16.55 -4.05
N THR C 224 -20.02 -16.39 -4.24
CA THR C 224 -19.06 -16.23 -3.17
C THR C 224 -18.25 -14.95 -3.37
N SER C 225 -17.46 -14.63 -2.34
CA SER C 225 -16.52 -13.51 -2.40
C SER C 225 -15.49 -13.68 -3.52
N VAL C 226 -15.24 -14.92 -3.95
CA VAL C 226 -14.22 -15.22 -4.94
C VAL C 226 -14.79 -15.50 -6.32
N GLY C 227 -16.02 -15.98 -6.40
CA GLY C 227 -16.64 -16.07 -7.71
C GLY C 227 -17.96 -16.84 -7.72
N LEU C 228 -18.18 -17.61 -8.77
CA LEU C 228 -19.40 -18.39 -8.95
C LEU C 228 -19.04 -19.86 -8.90
N ASN C 229 -19.61 -20.58 -7.94
CA ASN C 229 -19.48 -22.01 -7.83
C ASN C 229 -20.73 -22.68 -8.38
N ILE C 230 -20.53 -23.86 -8.97
CA ILE C 230 -21.62 -24.68 -9.46
C ILE C 230 -21.59 -25.98 -8.68
N TYR C 231 -22.70 -26.34 -8.06
CA TYR C 231 -22.77 -27.55 -7.24
C TYR C 231 -23.78 -28.53 -7.82
N ASP C 232 -23.52 -29.80 -7.58
CA ASP C 232 -24.52 -30.82 -7.83
C ASP C 232 -25.68 -30.66 -6.88
N GLU C 233 -26.87 -31.09 -7.33
CA GLU C 233 -28.07 -30.92 -6.53
C GLU C 233 -27.93 -31.49 -5.13
N ARG C 234 -27.13 -32.55 -4.96
CA ARG C 234 -27.06 -33.28 -3.70
C ARG C 234 -25.72 -33.15 -3.00
N ASP C 235 -24.83 -32.28 -3.49
CA ASP C 235 -23.52 -32.07 -2.85
C ASP C 235 -23.27 -30.57 -2.77
N LYS C 236 -23.70 -29.95 -1.67
CA LYS C 236 -23.40 -28.56 -1.39
C LYS C 236 -22.00 -28.36 -0.81
N LEU C 237 -21.30 -29.43 -0.45
CA LEU C 237 -19.98 -29.25 0.13
C LEU C 237 -18.95 -28.89 -0.92
N THR C 238 -18.83 -29.69 -1.98
CA THR C 238 -17.74 -29.51 -2.93
C THR C 238 -18.26 -29.08 -4.29
N PRO C 239 -17.77 -27.97 -4.85
CA PRO C 239 -18.29 -27.51 -6.14
C PRO C 239 -17.79 -28.37 -7.29
N LYS C 240 -18.63 -28.49 -8.33
CA LYS C 240 -18.25 -29.24 -9.52
C LYS C 240 -17.34 -28.43 -10.42
N THR C 241 -17.64 -27.15 -10.58
CA THR C 241 -16.81 -26.23 -11.34
C THR C 241 -16.97 -24.84 -10.71
N THR C 242 -16.13 -23.91 -11.15
CA THR C 242 -16.12 -22.59 -10.56
C THR C 242 -15.59 -21.58 -11.59
N PHE C 243 -16.00 -20.33 -11.41
CA PHE C 243 -15.54 -19.21 -12.24
C PHE C 243 -15.20 -18.05 -11.34
N GLN C 244 -13.96 -17.60 -11.41
CA GLN C 244 -13.50 -16.52 -10.55
C GLN C 244 -13.97 -15.17 -11.06
N TRP C 245 -14.23 -14.24 -10.13
CA TRP C 245 -14.81 -12.95 -10.50
C TRP C 245 -14.05 -12.28 -11.63
N ASN C 246 -12.73 -12.41 -11.66
CA ASN C 246 -11.95 -11.70 -12.68
C ASN C 246 -11.97 -12.39 -14.05
N GLU C 247 -12.56 -13.58 -14.15
CA GLU C 247 -12.86 -14.24 -15.41
C GLU C 247 -14.23 -13.86 -15.98
N ILE C 248 -15.07 -13.14 -15.22
CA ILE C 248 -16.45 -12.86 -15.63
C ILE C 248 -16.55 -11.41 -16.09
N ARG C 249 -17.06 -11.22 -17.31
CA ARG C 249 -17.17 -9.90 -17.93
C ARG C 249 -18.52 -9.25 -17.65
N HIS C 250 -19.60 -10.04 -17.65
CA HIS C 250 -20.94 -9.48 -17.61
C HIS C 250 -21.91 -10.55 -17.08
N VAL C 251 -22.86 -10.11 -16.26
CA VAL C 251 -23.89 -10.99 -15.69
C VAL C 251 -25.24 -10.33 -15.90
N SER C 252 -26.20 -11.09 -16.43
CA SER C 252 -27.54 -10.53 -16.67
C SER C 252 -28.59 -11.65 -16.70
N PHE C 253 -29.82 -11.25 -16.45
CA PHE C 253 -30.95 -12.16 -16.55
C PHE C 253 -32.09 -11.46 -17.29
N ASP C 254 -32.86 -12.26 -18.03
CA ASP C 254 -34.14 -11.82 -18.57
C ASP C 254 -35.17 -12.87 -18.20
N ASP C 255 -36.14 -12.49 -17.39
CA ASP C 255 -37.15 -13.42 -16.87
C ASP C 255 -36.41 -14.50 -16.10
N LYS C 256 -36.46 -15.77 -16.53
CA LYS C 256 -35.89 -16.85 -15.74
C LYS C 256 -34.47 -17.21 -16.15
N LYS C 257 -33.96 -16.57 -17.20
CA LYS C 257 -32.75 -17.01 -17.88
C LYS C 257 -31.58 -16.08 -17.54
N PHE C 258 -30.56 -16.62 -16.87
CA PHE C 258 -29.32 -15.88 -16.63
C PHE C 258 -28.35 -16.12 -17.79
N THR C 259 -27.74 -15.04 -18.25
CA THR C 259 -26.65 -15.10 -19.21
C THR C 259 -25.37 -14.58 -18.57
N ILE C 260 -24.30 -15.36 -18.68
CA ILE C 260 -23.02 -15.02 -18.09
C ILE C 260 -21.99 -15.00 -19.21
N ARG C 261 -21.38 -13.84 -19.42
CA ARG C 261 -20.35 -13.66 -20.42
C ARG C 261 -19.00 -13.62 -19.72
N LEU C 262 -18.03 -14.32 -20.29
CA LEU C 262 -16.70 -14.39 -19.72
C LEU C 262 -15.79 -13.38 -20.40
N VAL C 263 -14.72 -13.02 -19.69
CA VAL C 263 -13.75 -12.04 -20.20
C VAL C 263 -13.13 -12.53 -21.49
N ASP C 264 -12.73 -13.79 -21.53
CA ASP C 264 -12.15 -14.38 -22.72
C ASP C 264 -13.18 -14.37 -23.85
N ALA C 265 -13.01 -13.48 -24.83
CA ALA C 265 -13.97 -13.35 -25.92
C ALA C 265 -14.11 -14.64 -26.73
N LYS C 266 -13.13 -15.54 -26.67
CA LYS C 266 -13.17 -16.80 -27.42
C LYS C 266 -14.15 -17.80 -26.83
N VAL C 267 -14.38 -17.77 -25.52
CA VAL C 267 -15.29 -18.70 -24.87
C VAL C 267 -16.72 -18.20 -25.01
N SER C 268 -17.63 -19.12 -25.30
CA SER C 268 -19.01 -18.71 -25.50
C SER C 268 -19.70 -18.52 -24.15
N ASN C 269 -20.79 -17.77 -24.18
CA ASN C 269 -21.60 -17.54 -22.99
C ASN C 269 -22.15 -18.86 -22.47
N PHE C 270 -22.48 -18.87 -21.18
CA PHE C 270 -23.21 -19.99 -20.63
C PHE C 270 -24.44 -19.48 -19.88
N ILE C 271 -25.45 -20.34 -19.82
CA ILE C 271 -26.80 -19.97 -19.45
C ILE C 271 -27.26 -20.88 -18.31
N PHE C 272 -28.12 -20.35 -17.45
CA PHE C 272 -28.78 -21.22 -16.50
C PHE C 272 -30.11 -20.57 -16.15
N TYR C 273 -31.02 -21.36 -15.59
CA TYR C 273 -32.35 -20.86 -15.30
C TYR C 273 -32.57 -20.79 -13.81
N SER C 274 -33.28 -19.76 -13.40
CA SER C 274 -33.59 -19.54 -11.99
C SER C 274 -34.99 -18.97 -11.95
N GLN C 275 -35.88 -19.61 -11.18
CA GLN C 275 -37.31 -19.54 -11.46
C GLN C 275 -38.05 -18.40 -10.78
N ASP C 276 -37.43 -17.66 -9.86
CA ASP C 276 -38.11 -16.56 -9.18
C ASP C 276 -37.37 -15.27 -9.54
N LEU C 277 -38.11 -14.33 -10.13
CA LEU C 277 -37.50 -13.08 -10.57
C LEU C 277 -36.90 -12.31 -9.41
N HIS C 278 -37.58 -12.28 -8.27
CA HIS C 278 -37.01 -11.57 -7.12
C HIS C 278 -35.67 -12.14 -6.73
N ILE C 279 -35.60 -13.47 -6.57
CA ILE C 279 -34.32 -14.15 -6.36
C ILE C 279 -33.31 -13.76 -7.42
N ASN C 280 -33.76 -13.47 -8.64
CA ASN C 280 -32.82 -13.18 -9.71
C ASN C 280 -32.19 -11.81 -9.54
N LYS C 281 -32.98 -10.84 -9.10
CA LYS C 281 -32.40 -9.55 -8.74
C LYS C 281 -31.40 -9.70 -7.59
N MET C 282 -31.71 -10.55 -6.60
CA MET C 282 -30.79 -10.77 -5.49
C MET C 282 -29.51 -11.44 -5.97
N ILE C 283 -29.61 -12.32 -6.96
CA ILE C 283 -28.40 -12.92 -7.50
C ILE C 283 -27.55 -11.85 -8.17
N LEU C 284 -28.20 -10.94 -8.90
CA LEU C 284 -27.49 -9.88 -9.62
C LEU C 284 -26.81 -8.93 -8.65
N ASP C 285 -27.52 -8.52 -7.59
CA ASP C 285 -26.91 -7.66 -6.57
C ASP C 285 -25.74 -8.35 -5.87
N LEU C 286 -25.91 -9.63 -5.52
CA LEU C 286 -24.84 -10.36 -4.84
C LEU C 286 -23.59 -10.45 -5.72
N CYS C 287 -23.77 -10.65 -7.04
CA CYS C 287 -22.65 -10.76 -7.99
C CYS C 287 -21.92 -9.43 -8.13
N LYS C 288 -22.68 -8.35 -8.29
CA LYS C 288 -22.07 -7.04 -8.47
C LYS C 288 -21.33 -6.62 -7.20
N GLY C 289 -21.98 -6.74 -6.05
CA GLY C 289 -21.34 -6.40 -4.79
C GLY C 289 -20.07 -7.21 -4.55
N ASN C 290 -20.15 -8.54 -4.73
CA ASN C 290 -18.99 -9.39 -4.48
C ASN C 290 -17.87 -9.09 -5.47
N HIS C 291 -18.22 -8.80 -6.73
CA HIS C 291 -17.20 -8.42 -7.70
C HIS C 291 -16.55 -7.08 -7.35
N ASP C 292 -17.36 -6.09 -6.93
CA ASP C 292 -16.81 -4.81 -6.47
C ASP C 292 -15.75 -5.03 -5.41
N LEU C 293 -16.07 -5.83 -4.38
CA LEU C 293 -15.12 -5.98 -3.27
C LEU C 293 -13.94 -6.81 -3.68
N TYR C 294 -14.16 -7.76 -4.61
CA TYR C 294 -13.06 -8.58 -5.11
C TYR C 294 -11.93 -7.69 -5.65
N MET C 295 -12.28 -6.69 -6.47
CA MET C 295 -11.29 -5.77 -7.01
C MET C 295 -10.78 -4.79 -5.95
N ARG C 296 -11.67 -4.28 -5.10
CA ARG C 296 -11.27 -3.30 -4.09
C ARG C 296 -10.32 -3.94 -3.07
N ARG C 297 -10.60 -5.17 -2.67
CA ARG C 297 -9.72 -5.92 -1.77
C ARG C 297 -8.29 -5.95 -2.30
N ARG C 298 -8.13 -6.02 -3.62
CA ARG C 298 -6.80 -6.09 -4.24
C ARG C 298 -6.17 -4.73 -4.49
N LYS C 299 -6.86 -3.64 -4.14
CA LYS C 299 -6.29 -2.29 -4.15
C LYS C 299 -6.53 -1.73 -2.75
N PRO C 300 -5.71 -2.17 -1.76
CA PRO C 300 -6.05 -1.94 -0.34
C PRO C 300 -6.34 -0.49 0.08
N ASP C 301 -5.85 0.51 -0.66
CA ASP C 301 -6.22 1.88 -0.30
C ASP C 301 -7.73 2.11 -0.34
N THR C 302 -8.45 1.43 -1.23
CA THR C 302 -9.90 1.57 -1.29
C THR C 302 -10.59 1.04 -0.03
N MET C 303 -9.86 0.32 0.84
CA MET C 303 -10.44 -0.25 2.06
C MET C 303 -9.98 0.47 3.31
N GLU C 304 -9.34 1.62 3.18
CA GLU C 304 -8.91 2.40 4.34
C GLU C 304 -10.11 2.93 5.12
N ILE C 305 -9.94 3.01 6.41
CA ILE C 305 -10.97 3.63 7.23
C ILE C 305 -10.34 4.78 8.01
N GLN C 306 -11.19 5.76 8.34
CA GLN C 306 -10.84 6.83 9.26
C GLN C 306 -10.37 6.29 10.62
N LEU D 5 34.48 1.16 -33.75
CA LEU D 5 33.74 0.01 -33.24
C LEU D 5 32.94 0.34 -31.97
N GLU D 6 31.92 -0.46 -31.66
CA GLU D 6 31.14 -0.29 -30.45
C GLU D 6 31.24 -1.54 -29.57
N THR D 7 31.42 -1.31 -28.26
CA THR D 7 31.51 -2.41 -27.31
C THR D 7 30.14 -3.04 -27.04
N ALA D 8 29.09 -2.23 -27.02
CA ALA D 8 27.78 -2.72 -26.62
C ALA D 8 26.68 -1.94 -27.32
N GLY D 9 25.48 -2.52 -27.30
CA GLY D 9 24.30 -1.89 -27.85
C GLY D 9 23.07 -2.64 -27.40
N GLY D 10 21.93 -1.96 -27.49
CA GLY D 10 20.68 -2.58 -27.08
C GLY D 10 19.53 -1.84 -27.71
N ALA D 11 18.37 -2.49 -27.73
CA ALA D 11 17.19 -1.90 -28.34
C ALA D 11 15.96 -2.51 -27.68
N GLU D 12 15.02 -1.65 -27.32
CA GLU D 12 13.77 -2.11 -26.76
C GLU D 12 12.79 -2.43 -27.88
N LEU D 13 12.21 -3.63 -27.84
CA LEU D 13 11.37 -4.10 -28.93
C LEU D 13 9.93 -4.05 -28.45
N THR D 14 9.33 -5.17 -28.06
CA THR D 14 7.90 -5.21 -27.78
C THR D 14 7.58 -4.61 -26.41
N THR D 15 6.59 -3.73 -26.36
CA THR D 15 5.96 -3.32 -25.12
C THR D 15 4.56 -3.92 -25.09
N HIS D 16 4.30 -4.81 -24.15
CA HIS D 16 2.99 -5.43 -24.04
C HIS D 16 2.44 -5.22 -22.63
N SER D 17 1.14 -4.97 -22.55
CA SER D 17 0.49 -4.69 -21.28
C SER D 17 -0.78 -5.53 -21.16
N SER D 18 -0.96 -6.14 -20.00
CA SER D 18 -2.13 -6.96 -19.71
C SER D 18 -2.62 -6.51 -18.34
N HIS D 19 -3.85 -6.02 -18.27
CA HIS D 19 -4.27 -5.38 -17.02
C HIS D 19 -5.79 -5.27 -16.93
N TYR D 20 -6.25 -4.99 -15.71
CA TYR D 20 -7.67 -4.82 -15.38
C TYR D 20 -7.94 -3.34 -15.14
N LEU D 21 -8.96 -2.80 -15.79
CA LEU D 21 -9.41 -1.43 -15.52
C LEU D 21 -10.60 -1.50 -14.59
N VAL D 22 -10.45 -0.96 -13.39
CA VAL D 22 -11.51 -0.98 -12.40
C VAL D 22 -12.07 0.43 -12.33
N GLN D 23 -13.20 0.61 -12.97
CA GLN D 23 -14.00 1.80 -12.83
C GLN D 23 -15.11 1.42 -11.84
N GLY D 24 -15.02 1.96 -10.62
CA GLY D 24 -15.84 1.48 -9.53
C GLY D 24 -16.88 2.45 -9.02
N ASP D 25 -17.39 3.34 -9.90
CA ASP D 25 -18.44 4.27 -9.50
C ASP D 25 -19.79 3.57 -9.62
N ASN D 26 -20.36 3.27 -8.45
CA ASN D 26 -21.64 2.57 -8.36
C ASN D 26 -22.78 3.59 -8.37
N SER D 27 -23.87 3.25 -9.06
CA SER D 27 -25.12 3.93 -8.81
C SER D 27 -25.90 3.28 -7.68
N SER D 28 -25.98 1.95 -7.68
CA SER D 28 -26.55 1.14 -6.60
C SER D 28 -25.40 0.41 -5.89
N GLY D 29 -25.73 -0.69 -5.21
CA GLY D 29 -24.71 -1.55 -4.62
C GLY D 29 -24.04 -0.95 -3.39
N ILE D 30 -22.77 -1.33 -3.21
CA ILE D 30 -21.94 -0.75 -2.16
C ILE D 30 -21.80 0.74 -2.45
N SER D 31 -22.21 1.58 -1.49
CA SER D 31 -22.38 3.01 -1.76
C SER D 31 -21.23 3.89 -1.32
N ASP D 32 -20.35 3.41 -0.43
CA ASP D 32 -19.34 4.28 0.17
C ASP D 32 -18.39 4.87 -0.88
N ASP D 33 -17.94 6.11 -0.63
CA ASP D 33 -17.08 6.85 -1.54
C ASP D 33 -15.64 6.66 -1.08
N PHE D 34 -14.99 5.67 -1.69
CA PHE D 34 -13.61 5.29 -1.43
C PHE D 34 -12.72 5.94 -2.48
N GLU D 35 -11.41 5.81 -2.28
CA GLU D 35 -10.43 6.31 -3.23
C GLU D 35 -9.21 5.38 -3.33
N PRO D 36 -8.65 5.20 -4.53
CA PRO D 36 -9.05 5.80 -5.81
C PRO D 36 -10.31 5.15 -6.40
N LYS D 37 -11.16 5.95 -7.05
CA LYS D 37 -12.36 5.39 -7.64
C LYS D 37 -12.06 4.66 -8.94
N GLU D 38 -10.99 5.06 -9.63
CA GLU D 38 -10.51 4.40 -10.84
C GLU D 38 -9.09 3.92 -10.58
N PHE D 39 -8.82 2.66 -10.93
CA PHE D 39 -7.45 2.14 -10.80
C PHE D 39 -7.28 0.97 -11.77
N ILE D 40 -6.03 0.58 -11.95
CA ILE D 40 -5.67 -0.44 -12.92
C ILE D 40 -4.83 -1.48 -12.20
N LEU D 41 -5.23 -2.74 -12.31
CA LEU D 41 -4.50 -3.85 -11.72
C LEU D 41 -3.88 -4.65 -12.85
N THR D 42 -2.57 -4.68 -12.85
CA THR D 42 -1.80 -5.44 -13.80
C THR D 42 -1.99 -6.94 -13.55
N ASP D 43 -1.86 -7.73 -14.63
CA ASP D 43 -1.94 -9.19 -14.51
C ASP D 43 -0.99 -9.73 -13.45
N ASN D 44 0.27 -9.28 -13.45
CA ASN D 44 1.22 -9.89 -12.53
C ASN D 44 0.92 -9.47 -11.10
N GLU D 45 0.41 -8.25 -10.89
CA GLU D 45 -0.08 -7.87 -9.58
C GLU D 45 -1.16 -8.85 -9.12
N MET D 46 -2.12 -9.15 -9.99
CA MET D 46 -3.17 -10.08 -9.61
C MET D 46 -2.60 -11.43 -9.18
N GLU D 47 -1.62 -11.94 -9.93
CA GLU D 47 -1.05 -13.23 -9.60
C GLU D 47 -0.15 -13.14 -8.38
N GLN D 48 0.58 -12.02 -8.23
CA GLN D 48 1.34 -11.79 -7.02
C GLN D 48 0.42 -11.85 -5.79
N ILE D 49 -0.80 -11.31 -5.91
CA ILE D 49 -1.72 -11.31 -4.79
C ILE D 49 -2.29 -12.71 -4.55
N THR D 50 -2.52 -13.46 -5.62
CA THR D 50 -2.92 -14.85 -5.44
C THR D 50 -1.83 -15.65 -4.74
N ASN D 51 -0.56 -15.43 -5.10
CA ASN D 51 0.51 -16.18 -4.46
C ASN D 51 0.65 -15.81 -2.99
N GLU D 52 0.59 -14.51 -2.66
CA GLU D 52 0.72 -14.19 -1.25
C GLU D 52 -0.52 -14.59 -0.46
N MET D 53 -1.69 -14.72 -1.10
CA MET D 53 -2.85 -15.20 -0.39
C MET D 53 -2.74 -16.70 -0.12
N GLU D 54 -2.26 -17.48 -1.10
CA GLU D 54 -2.07 -18.91 -0.86
C GLU D 54 -0.99 -19.14 0.18
N ARG D 55 0.05 -18.30 0.18
CA ARG D 55 1.11 -18.45 1.16
C ARG D 55 0.63 -18.08 2.56
N ASN D 56 -0.24 -17.07 2.69
CA ASN D 56 -0.79 -16.76 4.01
C ASN D 56 -1.56 -17.95 4.56
N HIS D 57 -2.31 -18.65 3.69
CA HIS D 57 -3.11 -19.77 4.17
C HIS D 57 -2.24 -20.94 4.63
N LEU D 58 -1.20 -21.28 3.84
CA LEU D 58 -0.32 -22.38 4.23
C LEU D 58 0.44 -22.05 5.51
N ASP D 59 0.85 -20.79 5.69
CA ASP D 59 1.38 -20.34 6.96
C ASP D 59 0.40 -20.62 8.11
N TYR D 60 -0.89 -20.42 7.86
CA TYR D 60 -1.88 -20.65 8.90
C TYR D 60 -2.03 -22.13 9.21
N LEU D 61 -1.88 -23.00 8.20
CA LEU D 61 -1.94 -24.44 8.47
C LEU D 61 -0.79 -24.88 9.36
N ARG D 62 0.44 -24.48 9.02
CA ARG D 62 1.59 -24.78 9.87
C ARG D 62 1.38 -24.30 11.30
N ASN D 63 1.03 -23.02 11.48
CA ASN D 63 0.87 -22.46 12.82
C ASN D 63 -0.25 -23.12 13.62
N SER D 64 -1.11 -23.92 12.98
CA SER D 64 -2.21 -24.59 13.66
C SER D 64 -2.12 -26.10 13.52
N LYS D 65 -0.92 -26.62 13.25
CA LYS D 65 -0.72 -28.06 13.10
C LYS D 65 -1.09 -28.82 14.36
N GLN D 66 -0.89 -28.21 15.52
CA GLN D 66 -1.26 -28.84 16.78
C GLN D 66 -2.77 -28.94 16.92
N VAL D 67 -3.51 -27.90 16.53
CA VAL D 67 -4.96 -27.96 16.66
C VAL D 67 -5.55 -28.97 15.69
N GLN D 68 -4.91 -29.17 14.53
CA GLN D 68 -5.46 -30.12 13.57
C GLN D 68 -5.34 -31.55 14.07
N SER D 69 -4.29 -31.85 14.85
CA SER D 69 -4.18 -33.21 15.36
C SER D 69 -5.07 -33.41 16.58
N GLN D 70 -5.24 -32.37 17.40
CA GLN D 70 -6.24 -32.41 18.46
C GLN D 70 -7.60 -32.73 17.88
N LEU D 71 -7.93 -32.15 16.73
CA LEU D 71 -9.23 -32.43 16.13
C LEU D 71 -9.33 -33.87 15.70
N GLN D 72 -8.23 -34.43 15.18
CA GLN D 72 -8.24 -35.82 14.74
C GLN D 72 -8.34 -36.76 15.92
N THR D 73 -7.62 -36.47 17.00
CA THR D 73 -7.78 -37.21 18.24
C THR D 73 -9.23 -37.23 18.68
N LEU D 74 -9.85 -36.05 18.78
CA LEU D 74 -11.22 -35.99 19.29
C LEU D 74 -12.14 -36.77 18.38
N ARG D 75 -11.93 -36.66 17.08
CA ARG D 75 -12.78 -37.33 16.13
C ARG D 75 -12.81 -38.84 16.35
N SER D 76 -11.65 -39.44 16.59
CA SER D 76 -11.62 -40.88 16.79
C SER D 76 -11.96 -41.27 18.22
N GLU D 77 -11.76 -40.39 19.19
CA GLU D 77 -12.19 -40.69 20.55
C GLU D 77 -13.70 -40.81 20.64
N ILE D 78 -14.45 -39.95 19.94
CA ILE D 78 -15.90 -40.05 20.01
C ILE D 78 -16.47 -41.00 18.96
N ALA D 79 -15.66 -41.40 17.97
CA ALA D 79 -16.15 -42.26 16.89
C ALA D 79 -16.89 -43.53 17.35
N PRO D 80 -16.46 -44.26 18.39
CA PRO D 80 -17.24 -45.43 18.83
C PRO D 80 -18.69 -45.12 19.18
N HIS D 81 -19.02 -43.89 19.53
CA HIS D 81 -20.39 -43.54 19.90
C HIS D 81 -21.25 -43.09 18.74
N LYS D 82 -20.74 -43.22 17.51
CA LYS D 82 -21.44 -42.73 16.33
C LYS D 82 -22.73 -43.50 16.09
N ILE D 83 -23.79 -42.78 15.75
CA ILE D 83 -25.05 -43.40 15.35
C ILE D 83 -25.15 -43.18 13.84
N GLU D 84 -24.74 -44.19 13.07
CA GLU D 84 -24.61 -44.02 11.61
C GLU D 84 -25.95 -43.74 10.95
N GLU D 85 -27.00 -44.42 11.36
CA GLU D 85 -28.34 -44.18 10.83
C GLU D 85 -28.83 -42.77 11.15
N ASN D 86 -28.04 -41.99 11.87
CA ASN D 86 -28.39 -40.62 12.21
C ASN D 86 -27.53 -39.59 11.48
N GLN D 87 -26.59 -40.03 10.65
CA GLN D 87 -25.74 -39.13 9.88
C GLN D 87 -26.49 -38.54 8.71
N SER D 88 -26.27 -37.26 8.44
CA SER D 88 -26.86 -36.60 7.28
C SER D 88 -26.00 -36.84 6.04
N ASN D 89 -26.60 -36.57 4.87
CA ASN D 89 -25.84 -36.74 3.64
C ASN D 89 -24.60 -35.85 3.59
N LEU D 90 -24.67 -34.66 4.21
CA LEU D 90 -23.46 -33.84 4.34
C LEU D 90 -22.38 -34.56 5.14
N ASP D 91 -22.76 -35.24 6.23
CA ASP D 91 -21.80 -35.98 7.06
C ASP D 91 -21.10 -37.05 6.24
N ILE D 92 -21.87 -37.76 5.41
CA ILE D 92 -21.30 -38.81 4.58
C ILE D 92 -20.34 -38.19 3.57
N LEU D 93 -20.79 -37.13 2.90
CA LEU D 93 -19.95 -36.41 1.96
C LEU D 93 -18.70 -35.87 2.65
N SER D 94 -18.86 -35.37 3.88
CA SER D 94 -17.74 -34.80 4.61
C SER D 94 -16.71 -35.85 4.96
N GLU D 95 -17.15 -37.01 5.46
CA GLU D 95 -16.22 -38.08 5.82
C GLU D 95 -15.46 -38.57 4.59
N ALA D 96 -16.17 -38.74 3.47
CA ALA D 96 -15.53 -39.14 2.22
C ALA D 96 -14.47 -38.13 1.80
N GLN D 97 -14.80 -36.85 1.90
CA GLN D 97 -13.82 -35.81 1.60
C GLN D 97 -12.62 -35.88 2.54
N ILE D 98 -12.86 -36.20 3.80
CA ILE D 98 -11.76 -36.41 4.75
C ILE D 98 -10.90 -37.57 4.31
N LYS D 99 -11.52 -38.72 4.00
CA LYS D 99 -10.76 -39.88 3.59
C LYS D 99 -9.90 -39.56 2.36
N ALA D 100 -10.49 -38.96 1.33
CA ALA D 100 -9.77 -38.71 0.08
C ALA D 100 -8.62 -37.71 0.22
N GLY D 101 -8.56 -36.95 1.31
CA GLY D 101 -7.52 -35.95 1.48
C GLY D 101 -7.83 -34.59 0.87
N GLU D 102 -9.10 -34.23 0.73
CA GLU D 102 -9.49 -33.01 0.02
C GLU D 102 -9.87 -31.90 0.99
N ASN D 103 -9.51 -30.66 0.64
CA ASN D 103 -9.96 -29.48 1.37
C ASN D 103 -10.44 -28.41 0.40
N LYS D 104 -11.28 -27.53 0.95
CA LYS D 104 -11.91 -26.42 0.22
C LYS D 104 -10.96 -25.76 -0.78
N TYR D 105 -9.77 -25.35 -0.33
CA TYR D 105 -8.93 -24.52 -1.18
C TYR D 105 -8.19 -25.34 -2.24
N SER D 106 -7.71 -26.53 -1.89
CA SER D 106 -7.09 -27.40 -2.89
C SER D 106 -8.07 -27.73 -4.02
N THR D 107 -9.32 -28.01 -3.67
CA THR D 107 -10.32 -28.32 -4.69
C THR D 107 -10.52 -27.13 -5.62
N LEU D 108 -10.63 -25.93 -5.05
CA LEU D 108 -10.87 -24.75 -5.89
C LEU D 108 -9.70 -24.47 -6.81
N LYS D 109 -8.46 -24.65 -6.33
CA LYS D 109 -7.32 -24.38 -7.18
C LYS D 109 -7.25 -25.35 -8.35
N LYS D 110 -7.54 -26.63 -8.11
CA LYS D 110 -7.51 -27.60 -9.20
C LYS D 110 -8.63 -27.32 -10.21
N LEU D 111 -9.84 -27.05 -9.74
CA LEU D 111 -10.93 -26.67 -10.63
C LEU D 111 -10.57 -25.50 -11.53
N LYS D 112 -9.96 -24.46 -10.94
CA LYS D 112 -9.60 -23.28 -11.72
C LYS D 112 -8.39 -23.51 -12.61
N SER D 113 -7.61 -24.57 -12.33
CA SER D 113 -6.43 -24.86 -13.13
C SER D 113 -6.76 -25.27 -14.57
N GLY D 114 -8.04 -25.46 -14.90
CA GLY D 114 -8.47 -25.74 -16.26
C GLY D 114 -9.10 -24.52 -16.89
N SER D 115 -8.97 -24.41 -18.21
CA SER D 115 -9.39 -23.22 -18.94
C SER D 115 -10.88 -22.94 -18.74
N THR D 116 -11.27 -21.70 -18.96
CA THR D 116 -12.68 -21.36 -18.85
C THR D 116 -13.49 -22.03 -19.94
N LYS D 117 -12.87 -22.34 -21.08
CA LYS D 117 -13.62 -23.02 -22.12
C LYS D 117 -13.94 -24.45 -21.70
N ALA D 118 -12.95 -25.13 -21.12
CA ALA D 118 -13.20 -26.45 -20.56
C ALA D 118 -14.33 -26.39 -19.52
N ARG D 119 -14.27 -25.42 -18.61
CA ARG D 119 -15.24 -25.38 -17.50
C ARG D 119 -16.63 -25.03 -17.99
N VAL D 120 -16.75 -24.09 -18.93
CA VAL D 120 -18.05 -23.83 -19.52
C VAL D 120 -18.58 -25.09 -20.18
N ALA D 121 -17.71 -25.81 -20.89
CA ALA D 121 -18.14 -27.04 -21.55
C ALA D 121 -18.58 -28.07 -20.52
N PHE D 122 -17.72 -28.32 -19.53
CA PHE D 122 -18.08 -29.18 -18.41
C PHE D 122 -19.42 -28.79 -17.79
N PHE D 123 -19.61 -27.50 -17.54
CA PHE D 123 -20.86 -27.06 -16.91
C PHE D 123 -22.07 -27.45 -17.75
N GLU D 124 -21.99 -27.29 -19.07
CA GLU D 124 -23.19 -27.51 -19.90
C GLU D 124 -23.53 -28.98 -20.06
N GLU D 125 -22.58 -29.87 -19.73
CA GLU D 125 -22.77 -31.31 -19.69
C GLU D 125 -23.36 -31.83 -18.39
N LEU D 126 -23.42 -31.00 -17.34
CA LEU D 126 -23.76 -31.49 -16.01
C LEU D 126 -25.10 -32.23 -15.91
#